data_4RGG
#
_entry.id   4RGG
#
_cell.length_a   165.910
_cell.length_b   165.910
_cell.length_c   165.910
_cell.angle_alpha   90.00
_cell.angle_beta   90.00
_cell.angle_gamma   90.00
#
_symmetry.space_group_name_H-M   'P 21 3'
#
loop_
_entity.id
_entity.type
_entity.pdbx_description
1 polymer 'Putative phage structural protein'
2 non-polymer 2-acetamido-2-deoxy-1-O-phosphono-alpha-D-glucopyranose
3 water water
#
_entity_poly.entity_id   1
_entity_poly.type   'polypeptide(L)'
_entity_poly.pdbx_seq_one_letter_code
;GVLKGINFDRSIVTPENEASILDLAMQNRSGVLDGMTIDILNTTSNQLALFHGTAVLQGYGIEITRAANGAPDVLVDTTG
QSNETMLLCLTIDLNQVNVPSGTVGTNTYAVDYKQIRLEFLDVPTLLKQYWRDHSLHDLIDPRRVISMPLYWITFGQTGT
TPKYEQIKSNYIDGGNSGNPAYGIAARCENFNHFINKVAVQSIPINGVANRPVSSTASQLTNYKVWRNPYLCSQDPRDKF
APDNLVIEEDGIYRIDISGSINIANYTFPASGNSWRVGGRYFQIVCARNSSANNLAEFGAEQHLPPSGVWTRRVLVGEYT
AGMTEQAFSSVATISLFKGDNFFLQFETGTNTSRDSAYNNGYGTSGTHLRNFSYTLERVGDLNGTAYYDNGTF
;
_entity_poly.pdbx_strand_id   A,B
#
loop_
_chem_comp.id
_chem_comp.type
_chem_comp.name
_chem_comp.formula
GN1 D-saccharide 2-acetamido-2-deoxy-1-O-phosphono-alpha-D-glucopyranose 'C8 H16 N O9 P'
#
# COMPACT_ATOMS: atom_id res chain seq x y z
N VAL A 2 -5.13 -11.29 -60.43
CA VAL A 2 -6.60 -11.37 -60.74
C VAL A 2 -7.41 -11.09 -59.48
N LEU A 3 -8.73 -11.12 -59.65
CA LEU A 3 -9.65 -11.19 -58.53
C LEU A 3 -9.72 -12.52 -57.84
N LYS A 4 -9.34 -12.57 -56.57
CA LYS A 4 -9.20 -13.80 -55.82
C LYS A 4 -10.32 -13.72 -54.78
N GLY A 5 -11.13 -14.76 -54.65
CA GLY A 5 -11.95 -14.94 -53.47
C GLY A 5 -11.27 -15.69 -52.36
N ILE A 6 -11.62 -15.39 -51.12
CA ILE A 6 -10.91 -15.93 -49.96
C ILE A 6 -11.67 -17.13 -49.35
N ASN A 7 -12.96 -17.13 -49.61
CA ASN A 7 -13.95 -17.55 -48.69
C ASN A 7 -15.05 -18.26 -49.43
N PHE A 8 -14.85 -18.43 -50.74
CA PHE A 8 -15.90 -18.81 -51.70
C PHE A 8 -15.90 -20.38 -51.83
N ASP A 9 -16.89 -20.96 -52.48
CA ASP A 9 -17.02 -22.41 -52.59
C ASP A 9 -15.73 -23.20 -52.93
N ARG A 10 -14.93 -22.73 -53.90
CA ARG A 10 -13.71 -23.45 -54.30
C ARG A 10 -12.47 -22.96 -53.64
N SER A 11 -12.59 -22.08 -52.63
CA SER A 11 -11.38 -21.47 -52.05
C SER A 11 -10.86 -22.47 -51.10
N ILE A 12 -9.54 -22.47 -50.84
CA ILE A 12 -9.02 -23.14 -49.65
C ILE A 12 -8.77 -22.20 -48.51
N VAL A 13 -9.28 -22.48 -47.31
CA VAL A 13 -9.02 -21.55 -46.17
C VAL A 13 -7.80 -21.93 -45.32
N THR A 14 -6.90 -20.98 -45.16
CA THR A 14 -5.62 -21.21 -44.53
C THR A 14 -5.63 -20.79 -43.02
N PRO A 15 -4.70 -21.36 -42.25
CA PRO A 15 -4.20 -20.73 -41.03
C PRO A 15 -4.19 -19.21 -41.05
N GLU A 16 -3.33 -18.61 -41.91
CA GLU A 16 -3.18 -17.16 -42.06
C GLU A 16 -4.52 -16.45 -42.25
N ASN A 17 -5.40 -17.00 -43.12
CA ASN A 17 -6.80 -16.52 -43.22
C ASN A 17 -7.59 -16.60 -41.90
N GLU A 18 -7.73 -17.76 -41.25
CA GLU A 18 -8.68 -17.80 -40.07
C GLU A 18 -8.08 -16.83 -38.93
N ALA A 19 -6.76 -16.61 -38.93
CA ALA A 19 -6.08 -15.67 -38.05
C ALA A 19 -6.35 -14.23 -38.36
N SER A 20 -6.19 -13.86 -39.62
CA SER A 20 -6.62 -12.52 -40.09
C SER A 20 -8.11 -12.38 -39.65
N ILE A 21 -8.96 -13.42 -39.65
CA ILE A 21 -10.38 -13.17 -39.35
C ILE A 21 -10.59 -12.96 -37.87
N LEU A 22 -9.94 -13.75 -36.99
CA LEU A 22 -10.06 -13.59 -35.46
C LEU A 22 -9.47 -12.25 -34.93
N ASP A 23 -8.41 -11.80 -35.59
CA ASP A 23 -7.85 -10.49 -35.35
C ASP A 23 -8.89 -9.44 -35.54
N LEU A 24 -9.51 -9.51 -36.69
CA LEU A 24 -10.61 -8.59 -36.97
C LEU A 24 -11.65 -8.66 -35.86
N ALA A 25 -11.94 -9.84 -35.43
CA ALA A 25 -13.00 -10.00 -34.35
C ALA A 25 -12.57 -9.52 -32.99
N MET A 26 -11.24 -9.52 -32.70
CA MET A 26 -10.68 -8.84 -31.50
C MET A 26 -10.47 -7.32 -31.61
N GLN A 27 -11.04 -6.69 -32.63
CA GLN A 27 -10.79 -5.27 -32.99
C GLN A 27 -9.32 -4.98 -33.17
N ASN A 28 -8.55 -5.88 -33.77
CA ASN A 28 -7.04 -5.80 -33.80
C ASN A 28 -6.28 -5.60 -32.55
N ARG A 29 -6.82 -6.04 -31.47
CA ARG A 29 -6.11 -6.02 -30.21
C ARG A 29 -5.59 -7.46 -30.03
N SER A 30 -4.40 -7.56 -29.45
CA SER A 30 -3.88 -8.83 -29.03
C SER A 30 -3.85 -8.81 -27.53
N GLY A 31 -3.88 -9.98 -26.93
CA GLY A 31 -3.64 -10.06 -25.51
C GLY A 31 -3.97 -11.39 -24.90
N VAL A 32 -3.67 -11.52 -23.63
CA VAL A 32 -4.12 -12.64 -22.84
C VAL A 32 -5.61 -12.60 -22.50
N LEU A 33 -6.31 -13.65 -22.93
CA LEU A 33 -7.70 -13.77 -22.66
C LEU A 33 -7.99 -14.45 -21.34
N ASP A 34 -7.18 -15.40 -20.90
CA ASP A 34 -7.28 -15.79 -19.51
C ASP A 34 -6.05 -16.48 -19.03
N GLY A 35 -5.90 -16.50 -17.72
CA GLY A 35 -4.75 -17.12 -17.14
C GLY A 35 -3.44 -16.50 -17.57
N MET A 36 -2.44 -17.34 -17.75
CA MET A 36 -1.07 -16.94 -18.02
C MET A 36 -0.55 -15.90 -17.05
N THR A 37 -1.02 -15.95 -15.82
CA THR A 37 -0.30 -15.26 -14.73
C THR A 37 0.80 -16.12 -14.18
N ILE A 38 1.66 -15.47 -13.43
CA ILE A 38 2.87 -16.08 -12.90
C ILE A 38 2.49 -17.00 -11.74
N ASP A 39 3.15 -18.16 -11.68
CA ASP A 39 2.84 -19.23 -10.69
C ASP A 39 4.08 -19.29 -9.82
N ILE A 40 4.09 -18.51 -8.74
CA ILE A 40 5.31 -18.28 -7.99
C ILE A 40 5.69 -19.50 -7.12
N LEU A 41 4.71 -20.31 -6.69
CA LEU A 41 4.99 -21.61 -6.03
C LEU A 41 5.96 -22.49 -6.81
N ASN A 42 5.80 -22.57 -8.14
CA ASN A 42 6.63 -23.44 -8.96
C ASN A 42 7.84 -22.74 -9.57
N THR A 43 8.28 -21.64 -8.96
CA THR A 43 9.20 -20.72 -9.62
C THR A 43 10.50 -20.72 -8.84
N THR A 44 11.55 -21.30 -9.39
CA THR A 44 12.81 -21.45 -8.65
C THR A 44 13.74 -20.34 -9.09
N SER A 45 15.05 -20.49 -8.82
CA SER A 45 16.07 -19.61 -9.37
C SER A 45 16.62 -20.09 -10.70
N ASN A 46 16.14 -21.23 -11.18
CA ASN A 46 16.50 -21.76 -12.49
C ASN A 46 15.41 -21.52 -13.48
N GLN A 47 14.21 -21.29 -12.96
CA GLN A 47 13.03 -21.46 -13.77
C GLN A 47 11.83 -20.65 -13.26
N LEU A 48 11.04 -20.21 -14.24
CA LEU A 48 9.89 -19.34 -14.03
C LEU A 48 8.67 -20.04 -14.57
N ALA A 49 7.62 -20.07 -13.76
CA ALA A 49 6.43 -20.88 -14.07
C ALA A 49 5.23 -19.97 -14.27
N LEU A 50 4.41 -20.34 -15.25
CA LEU A 50 3.16 -19.67 -15.53
C LEU A 50 2.02 -20.65 -15.37
N PHE A 51 0.87 -20.15 -14.96
CA PHE A 51 -0.37 -20.90 -15.11
C PHE A 51 -0.89 -21.01 -16.51
N HIS A 52 -1.66 -22.07 -16.71
CA HIS A 52 -2.42 -22.28 -17.91
C HIS A 52 -3.12 -21.02 -18.35
N GLY A 53 -3.40 -20.97 -19.63
CA GLY A 53 -4.51 -20.18 -20.14
C GLY A 53 -4.38 -19.97 -21.64
N THR A 54 -4.95 -18.86 -22.10
CA THR A 54 -5.22 -18.60 -23.52
C THR A 54 -4.93 -17.11 -23.89
N ALA A 55 -4.40 -16.89 -25.08
CA ALA A 55 -4.06 -15.53 -25.58
C ALA A 55 -4.30 -15.50 -27.06
N VAL A 56 -4.50 -14.31 -27.61
CA VAL A 56 -4.59 -14.14 -29.03
C VAL A 56 -3.54 -13.12 -29.44
N LEU A 57 -2.77 -13.42 -30.48
CA LEU A 57 -1.67 -12.55 -30.89
C LEU A 57 -1.79 -12.39 -32.36
N GLN A 58 -2.31 -11.20 -32.76
CA GLN A 58 -2.60 -10.88 -34.16
C GLN A 58 -3.39 -11.95 -34.88
N GLY A 59 -4.35 -12.45 -34.16
CA GLY A 59 -5.22 -13.45 -34.70
C GLY A 59 -4.86 -14.88 -34.45
N TYR A 60 -3.69 -15.16 -33.90
CA TYR A 60 -3.24 -16.53 -33.66
C TYR A 60 -3.53 -16.82 -32.23
N GLY A 61 -4.29 -17.90 -32.02
CA GLY A 61 -4.62 -18.38 -30.70
C GLY A 61 -3.53 -19.25 -30.13
N ILE A 62 -3.20 -19.00 -28.88
CA ILE A 62 -2.10 -19.65 -28.25
C ILE A 62 -2.60 -20.16 -26.90
N GLU A 63 -2.15 -21.34 -26.49
CA GLU A 63 -2.64 -21.99 -25.28
C GLU A 63 -1.45 -22.51 -24.49
N ILE A 64 -1.45 -22.26 -23.19
CA ILE A 64 -0.78 -23.11 -22.22
C ILE A 64 -1.84 -23.99 -21.54
N THR A 65 -1.67 -25.30 -21.71
CA THR A 65 -2.54 -26.34 -21.15
C THR A 65 -2.15 -26.65 -19.69
N ARG A 66 -3.10 -27.04 -18.84
CA ARG A 66 -2.76 -27.68 -17.54
C ARG A 66 -2.30 -29.14 -17.76
N ALA A 67 -1.59 -29.76 -16.82
CA ALA A 67 -1.60 -31.27 -16.70
C ALA A 67 -1.29 -31.89 -15.31
N ALA A 68 -1.35 -33.22 -15.23
CA ALA A 68 -0.50 -34.03 -14.34
C ALA A 68 -1.00 -34.03 -12.89
N ALA A 71 -0.54 -28.57 -12.71
CA ALA A 71 0.69 -27.83 -12.40
C ALA A 71 1.96 -28.75 -12.31
N PRO A 72 3.15 -28.18 -12.61
CA PRO A 72 3.38 -26.81 -13.15
C PRO A 72 3.01 -26.68 -14.64
N ASP A 73 2.13 -25.72 -14.97
CA ASP A 73 1.49 -25.67 -16.28
C ASP A 73 2.50 -25.42 -17.44
N VAL A 74 3.56 -24.64 -17.20
CA VAL A 74 4.68 -24.44 -18.16
C VAL A 74 5.85 -23.78 -17.42
N LEU A 75 7.07 -24.01 -17.91
CA LEU A 75 8.31 -23.53 -17.27
C LEU A 75 9.22 -22.80 -18.29
N VAL A 76 9.86 -21.71 -17.87
CA VAL A 76 10.74 -20.98 -18.74
C VAL A 76 12.10 -20.94 -18.12
N ASP A 77 13.11 -21.22 -18.93
CA ASP A 77 14.44 -21.37 -18.40
C ASP A 77 14.98 -19.99 -18.10
N THR A 78 15.33 -19.75 -16.84
CA THR A 78 15.97 -18.50 -16.47
C THR A 78 17.47 -18.58 -16.25
N THR A 79 18.11 -19.75 -16.50
CA THR A 79 19.50 -19.91 -16.09
C THR A 79 20.33 -19.00 -17.00
N GLY A 80 21.25 -18.25 -16.39
CA GLY A 80 22.03 -17.22 -17.10
C GLY A 80 21.59 -15.76 -16.90
N GLN A 81 20.35 -15.56 -16.43
CA GLN A 81 19.83 -14.23 -16.15
C GLN A 81 20.10 -13.76 -14.71
N SER A 82 20.64 -12.55 -14.59
CA SER A 82 21.27 -12.11 -13.38
C SER A 82 21.36 -10.61 -13.38
N ASN A 83 20.88 -10.00 -12.29
CA ASN A 83 21.05 -8.55 -12.04
C ASN A 83 20.63 -7.67 -13.23
N GLU A 84 19.39 -7.85 -13.63
CA GLU A 84 18.90 -7.40 -14.93
C GLU A 84 17.38 -7.37 -14.85
N THR A 85 16.79 -6.30 -15.35
CA THR A 85 15.36 -6.27 -15.63
C THR A 85 15.08 -6.60 -17.12
N MET A 86 14.23 -7.60 -17.34
CA MET A 86 13.91 -8.10 -18.67
C MET A 86 12.39 -8.11 -18.82
N LEU A 87 11.91 -8.29 -20.05
CA LEU A 87 10.51 -8.60 -20.29
C LEU A 87 10.29 -10.04 -20.62
N LEU A 88 9.42 -10.69 -19.88
CA LEU A 88 8.92 -11.99 -20.34
C LEU A 88 7.89 -11.75 -21.44
N CYS A 89 8.11 -12.35 -22.59
CA CYS A 89 7.31 -12.10 -23.78
C CYS A 89 6.85 -13.39 -24.36
N LEU A 90 5.64 -13.37 -24.91
CA LEU A 90 5.14 -14.46 -25.79
C LEU A 90 5.35 -14.01 -27.23
N THR A 91 6.03 -14.83 -28.01
CA THR A 91 6.51 -14.47 -29.33
C THR A 91 6.06 -15.47 -30.39
N ILE A 92 5.66 -14.95 -31.54
CA ILE A 92 5.33 -15.78 -32.63
C ILE A 92 6.43 -15.55 -33.63
N ASP A 93 7.00 -16.65 -34.15
CA ASP A 93 8.09 -16.55 -35.09
C ASP A 93 7.78 -17.44 -36.28
N LEU A 94 7.28 -16.81 -37.35
CA LEU A 94 6.83 -17.54 -38.51
C LEU A 94 7.99 -18.02 -39.44
N ASN A 95 9.21 -17.68 -39.12
CA ASN A 95 10.33 -18.35 -39.71
C ASN A 95 10.57 -19.77 -39.23
N GLN A 96 10.07 -20.15 -38.07
CA GLN A 96 10.31 -21.49 -37.54
C GLN A 96 9.34 -22.50 -38.20
N VAL A 97 9.60 -23.81 -38.03
CA VAL A 97 8.72 -24.90 -38.56
C VAL A 97 8.01 -25.56 -37.36
N ASN A 98 6.71 -25.63 -37.41
CA ASN A 98 6.00 -26.50 -36.47
C ASN A 98 6.13 -27.96 -36.90
N VAL A 99 6.39 -28.84 -35.94
CA VAL A 99 6.72 -30.23 -36.25
C VAL A 99 5.63 -31.16 -35.72
N PRO A 100 4.80 -31.66 -36.65
CA PRO A 100 3.76 -32.62 -36.32
C PRO A 100 4.33 -33.98 -36.18
N SER A 101 3.69 -34.78 -35.39
CA SER A 101 4.09 -36.16 -35.27
C SER A 101 2.81 -36.99 -35.16
N GLY A 102 2.88 -38.24 -35.61
CA GLY A 102 1.80 -39.19 -35.41
C GLY A 102 0.72 -38.95 -36.42
N THR A 103 -0.48 -39.41 -36.16
CA THR A 103 -1.45 -39.49 -37.22
C THR A 103 -2.85 -39.31 -36.66
N VAL A 104 -3.63 -38.53 -37.37
CA VAL A 104 -5.08 -38.56 -37.24
C VAL A 104 -5.53 -39.92 -37.72
N GLY A 105 -6.54 -40.49 -37.10
CA GLY A 105 -6.99 -41.82 -37.57
C GLY A 105 -6.28 -42.94 -36.87
N THR A 106 -5.11 -42.65 -36.33
CA THR A 106 -4.90 -42.97 -34.94
C THR A 106 -5.37 -41.78 -34.17
N ASN A 107 -5.35 -41.91 -32.87
CA ASN A 107 -5.50 -40.70 -32.14
C ASN A 107 -4.14 -40.25 -31.58
N THR A 108 -3.15 -40.04 -32.45
CA THR A 108 -1.80 -39.66 -31.99
C THR A 108 -1.20 -38.39 -32.65
N TYR A 109 -2.03 -37.57 -33.29
CA TYR A 109 -1.52 -36.40 -33.94
C TYR A 109 -1.12 -35.38 -32.85
N ALA A 110 0.07 -34.84 -32.96
CA ALA A 110 0.55 -33.82 -32.04
C ALA A 110 1.55 -32.92 -32.77
N VAL A 111 1.75 -31.72 -32.20
CA VAL A 111 2.57 -30.70 -32.80
C VAL A 111 3.52 -30.05 -31.77
N ASP A 112 4.80 -30.02 -32.09
CA ASP A 112 5.75 -29.16 -31.41
C ASP A 112 5.73 -27.79 -32.11
N TYR A 113 5.11 -26.79 -31.47
CA TYR A 113 4.93 -25.48 -32.12
C TYR A 113 6.15 -24.61 -31.91
N LYS A 114 7.18 -24.84 -32.72
CA LYS A 114 8.39 -24.04 -32.62
C LYS A 114 8.10 -22.55 -33.08
N GLN A 115 6.96 -22.27 -33.68
CA GLN A 115 6.62 -20.91 -34.04
C GLN A 115 6.19 -20.04 -32.83
N ILE A 116 6.09 -20.64 -31.65
CA ILE A 116 5.58 -19.96 -30.48
C ILE A 116 6.64 -20.15 -29.42
N ARG A 117 7.07 -19.09 -28.77
CA ARG A 117 7.97 -19.27 -27.62
C ARG A 117 7.68 -18.25 -26.55
N LEU A 118 8.02 -18.64 -25.32
CA LEU A 118 8.15 -17.73 -24.20
C LEU A 118 9.61 -17.45 -23.98
N GLU A 119 10.00 -16.19 -23.84
CA GLU A 119 11.40 -15.79 -23.85
C GLU A 119 11.55 -14.48 -23.06
N PHE A 120 12.81 -14.13 -22.74
CA PHE A 120 13.13 -12.86 -22.13
C PHE A 120 13.73 -11.97 -23.13
N LEU A 121 13.20 -10.76 -23.21
CA LEU A 121 13.77 -9.75 -24.13
C LEU A 121 14.13 -8.52 -23.37
N ASP A 122 15.11 -7.77 -23.86
CA ASP A 122 15.29 -6.45 -23.32
C ASP A 122 14.25 -5.46 -23.95
N VAL A 123 14.12 -4.27 -23.41
CA VAL A 123 13.07 -3.33 -23.85
C VAL A 123 13.28 -2.96 -25.31
N PRO A 124 14.51 -2.62 -25.71
CA PRO A 124 14.67 -2.20 -27.12
C PRO A 124 14.30 -3.27 -28.14
N THR A 125 14.54 -4.54 -27.79
CA THR A 125 14.28 -5.62 -28.72
C THR A 125 12.78 -5.85 -28.78
N LEU A 126 12.12 -5.81 -27.62
CA LEU A 126 10.69 -6.02 -27.56
C LEU A 126 10.02 -4.90 -28.41
N LEU A 127 10.51 -3.68 -28.32
CA LEU A 127 9.86 -2.56 -29.01
C LEU A 127 9.98 -2.73 -30.51
N LYS A 128 11.09 -3.26 -30.97
CA LYS A 128 11.27 -3.44 -32.40
C LYS A 128 10.33 -4.49 -32.95
N GLN A 129 9.80 -5.35 -32.10
CA GLN A 129 8.90 -6.38 -32.62
C GLN A 129 7.55 -6.46 -31.86
N TYR A 130 7.18 -5.36 -31.24
CA TYR A 130 5.96 -5.26 -30.38
C TYR A 130 4.72 -5.21 -31.29
N TRP A 131 3.73 -6.07 -30.99
CA TRP A 131 2.51 -6.15 -31.74
C TRP A 131 1.79 -4.80 -31.87
N ARG A 132 1.94 -3.91 -30.87
CA ARG A 132 1.23 -2.67 -30.95
C ARG A 132 1.83 -1.76 -32.00
N ASP A 133 3.05 -2.01 -32.47
CA ASP A 133 3.64 -1.14 -33.48
C ASP A 133 3.99 -1.80 -34.81
N HIS A 134 3.85 -3.12 -34.91
CA HIS A 134 4.30 -3.88 -36.08
C HIS A 134 3.39 -5.08 -36.19
N SER A 135 3.21 -5.59 -37.38
CA SER A 135 2.26 -6.64 -37.61
C SER A 135 2.79 -7.72 -38.53
N LEU A 136 2.52 -8.95 -38.20
CA LEU A 136 2.59 -10.05 -39.18
C LEU A 136 1.78 -9.74 -40.47
N HIS A 137 0.69 -8.99 -40.36
CA HIS A 137 -0.20 -8.76 -41.51
C HIS A 137 0.05 -7.40 -42.17
N ASP A 138 1.12 -6.70 -41.81
CA ASP A 138 1.24 -5.27 -42.19
C ASP A 138 1.33 -5.17 -43.73
N LEU A 139 0.68 -4.14 -44.29
CA LEU A 139 0.69 -3.88 -45.73
C LEU A 139 2.11 -3.57 -46.23
N ILE A 140 2.78 -2.67 -45.51
CA ILE A 140 3.97 -1.98 -46.01
C ILE A 140 5.21 -2.70 -45.48
N ASP A 141 5.22 -3.08 -44.21
CA ASP A 141 6.45 -3.67 -43.58
C ASP A 141 6.12 -4.99 -42.84
N PRO A 142 5.61 -6.03 -43.57
CA PRO A 142 5.07 -7.14 -42.79
C PRO A 142 6.21 -7.92 -42.14
N ARG A 143 5.92 -8.47 -40.96
CA ARG A 143 6.93 -9.00 -40.09
C ARG A 143 6.71 -10.50 -40.08
N ARG A 144 7.75 -11.19 -39.63
CA ARG A 144 7.70 -12.58 -39.43
C ARG A 144 7.75 -12.86 -37.95
N VAL A 145 8.30 -11.94 -37.18
CA VAL A 145 8.26 -12.14 -35.74
C VAL A 145 7.61 -10.97 -34.94
N ILE A 146 6.77 -11.34 -33.99
CA ILE A 146 5.99 -10.40 -33.24
C ILE A 146 5.81 -10.91 -31.81
N SER A 147 5.87 -10.01 -30.85
CA SER A 147 5.79 -10.32 -29.48
C SER A 147 4.79 -9.46 -28.70
N MET A 148 4.42 -10.07 -27.57
CA MET A 148 3.56 -9.53 -26.58
C MET A 148 4.27 -9.66 -25.23
N PRO A 149 4.54 -8.55 -24.57
CA PRO A 149 5.13 -8.62 -23.25
C PRO A 149 4.13 -8.85 -22.16
N LEU A 150 4.48 -9.69 -21.18
CA LEU A 150 3.53 -10.15 -20.13
C LEU A 150 3.91 -9.69 -18.74
N TYR A 151 5.23 -9.66 -18.44
CA TYR A 151 5.73 -9.26 -17.14
C TYR A 151 7.04 -8.57 -17.30
N TRP A 152 7.24 -7.51 -16.52
CA TRP A 152 8.59 -7.13 -16.13
C TRP A 152 9.13 -8.16 -15.16
N ILE A 153 10.31 -8.69 -15.45
CA ILE A 153 11.03 -9.67 -14.54
C ILE A 153 12.37 -9.05 -14.16
N THR A 154 12.56 -8.77 -12.87
CA THR A 154 13.84 -8.20 -12.41
C THR A 154 14.56 -9.35 -11.72
N PHE A 155 15.65 -9.77 -12.33
CA PHE A 155 16.48 -10.86 -11.79
C PHE A 155 17.47 -10.28 -10.78
N GLY A 156 17.56 -10.90 -9.61
CA GLY A 156 18.64 -10.61 -8.65
C GLY A 156 19.90 -11.46 -8.82
N GLN A 157 20.64 -11.56 -7.73
CA GLN A 157 21.70 -12.58 -7.56
C GLN A 157 21.29 -13.94 -8.08
N THR A 158 22.22 -14.63 -8.73
CA THR A 158 22.17 -16.11 -8.88
C THR A 158 21.85 -16.80 -7.56
N GLY A 159 20.95 -17.78 -7.56
CA GLY A 159 20.41 -18.35 -6.33
C GLY A 159 19.07 -17.80 -5.87
N THR A 160 18.87 -16.48 -6.00
CA THR A 160 17.56 -15.89 -5.71
C THR A 160 16.54 -16.13 -6.81
N THR A 161 15.27 -16.03 -6.42
CA THR A 161 14.13 -16.02 -7.34
C THR A 161 13.72 -14.55 -7.63
N PRO A 162 13.26 -14.27 -8.87
CA PRO A 162 13.18 -12.84 -9.32
C PRO A 162 11.96 -12.10 -8.82
N LYS A 163 11.96 -10.77 -8.94
CA LYS A 163 10.73 -9.99 -8.70
C LYS A 163 9.98 -9.76 -10.04
N TYR A 164 8.66 -9.54 -9.92
CA TYR A 164 7.79 -9.45 -11.08
C TYR A 164 6.68 -8.39 -11.01
N GLU A 165 6.34 -7.83 -12.18
CA GLU A 165 5.23 -6.88 -12.33
C GLU A 165 4.47 -7.13 -13.64
N GLN A 166 3.20 -7.42 -13.49
CA GLN A 166 2.37 -7.81 -14.57
C GLN A 166 2.22 -6.59 -15.52
N ILE A 167 2.21 -6.85 -16.80
CA ILE A 167 1.96 -5.84 -17.83
C ILE A 167 0.48 -5.84 -18.20
N LYS A 168 -0.30 -5.07 -17.43
CA LYS A 168 -1.74 -5.28 -17.47
C LYS A 168 -2.34 -4.85 -18.83
N SER A 169 -1.63 -3.99 -19.57
CA SER A 169 -2.12 -3.55 -20.85
C SER A 169 -2.24 -4.72 -21.82
N ASN A 170 -1.50 -5.79 -21.60
CA ASN A 170 -1.49 -6.89 -22.50
C ASN A 170 -2.35 -8.06 -22.00
N TYR A 171 -3.12 -7.82 -20.95
CA TYR A 171 -4.13 -8.81 -20.45
C TYR A 171 -5.48 -8.20 -20.63
N ILE A 172 -6.37 -8.92 -21.29
CA ILE A 172 -7.76 -8.51 -21.45
C ILE A 172 -8.53 -9.08 -20.29
N ASP A 173 -8.68 -8.31 -19.24
CA ASP A 173 -8.92 -8.94 -17.95
C ASP A 173 -10.43 -9.05 -17.75
N GLY A 174 -11.16 -8.01 -18.14
CA GLY A 174 -11.99 -7.18 -17.23
C GLY A 174 -12.05 -5.65 -17.45
N GLY A 175 -13.26 -5.15 -17.64
CA GLY A 175 -13.45 -3.76 -18.12
C GLY A 175 -14.15 -3.75 -19.47
N ASN A 176 -13.74 -4.70 -20.31
CA ASN A 176 -13.69 -4.50 -21.75
C ASN A 176 -13.83 -5.72 -22.69
N SER A 177 -14.28 -6.89 -22.21
CA SER A 177 -14.61 -8.01 -23.06
C SER A 177 -15.93 -7.89 -23.87
N GLY A 178 -15.71 -7.62 -25.13
CA GLY A 178 -16.75 -7.20 -26.00
C GLY A 178 -16.31 -6.07 -26.90
N ASN A 179 -15.59 -5.12 -26.34
CA ASN A 179 -15.11 -3.96 -27.14
C ASN A 179 -13.65 -3.67 -26.83
N PRO A 180 -12.79 -4.64 -27.08
CA PRO A 180 -11.54 -4.66 -26.37
C PRO A 180 -10.61 -3.51 -26.71
N ALA A 181 -10.71 -2.92 -27.92
CA ALA A 181 -9.84 -1.83 -28.25
C ALA A 181 -10.43 -0.43 -27.91
N TYR A 182 -11.64 -0.38 -27.37
CA TYR A 182 -12.37 0.86 -27.16
C TYR A 182 -12.87 0.90 -25.69
N GLY A 183 -13.95 1.61 -25.41
CA GLY A 183 -14.52 1.65 -24.04
C GLY A 183 -13.85 2.67 -23.17
N ILE A 184 -14.16 2.61 -21.87
CA ILE A 184 -13.70 3.64 -20.99
C ILE A 184 -12.19 3.62 -20.84
N ALA A 185 -11.59 4.78 -20.86
CA ALA A 185 -10.19 4.95 -20.55
C ALA A 185 -9.91 5.33 -19.09
N ALA A 186 -10.72 6.20 -18.52
CA ALA A 186 -10.58 6.59 -17.19
C ALA A 186 -11.90 7.12 -16.68
N ARG A 187 -12.16 6.94 -15.39
CA ARG A 187 -13.37 7.48 -14.79
C ARG A 187 -13.18 7.64 -13.27
N CYS A 188 -13.99 8.47 -12.60
CA CYS A 188 -13.88 8.63 -11.18
C CYS A 188 -15.21 8.82 -10.53
N GLU A 189 -15.25 8.68 -9.23
CA GLU A 189 -16.39 9.12 -8.45
C GLU A 189 -16.31 10.61 -8.20
N ASN A 190 -17.44 11.18 -7.80
CA ASN A 190 -17.56 12.62 -7.44
C ASN A 190 -16.60 12.96 -6.34
N PHE A 191 -15.89 14.03 -6.54
CA PHE A 191 -15.02 14.54 -5.51
C PHE A 191 -15.14 16.08 -5.42
N ASN A 192 -14.53 16.62 -4.33
CA ASN A 192 -14.53 18.04 -4.07
C ASN A 192 -13.07 18.49 -4.05
N HIS A 193 -12.79 19.63 -4.69
CA HIS A 193 -11.44 20.10 -4.79
C HIS A 193 -11.37 21.62 -4.66
N PHE A 194 -10.55 22.05 -3.71
CA PHE A 194 -10.27 23.43 -3.45
C PHE A 194 -9.62 24.13 -4.61
N ILE A 195 -10.16 25.28 -4.96
CA ILE A 195 -9.59 26.06 -6.04
C ILE A 195 -8.51 27.03 -5.48
N ASN A 196 -7.26 26.78 -5.90
CA ASN A 196 -6.12 27.59 -5.52
C ASN A 196 -6.27 28.97 -6.13
N LYS A 197 -5.65 29.96 -5.48
CA LYS A 197 -5.79 31.39 -5.85
C LYS A 197 -4.79 31.74 -6.94
N VAL A 198 -5.00 31.18 -8.12
CA VAL A 198 -4.15 31.43 -9.27
C VAL A 198 -5.00 31.49 -10.52
N ALA A 199 -4.43 32.00 -11.60
CA ALA A 199 -5.17 32.24 -12.81
C ALA A 199 -5.50 30.88 -13.53
N VAL A 200 -4.55 29.94 -13.46
CA VAL A 200 -4.58 28.72 -14.24
C VAL A 200 -4.10 27.60 -13.33
N GLN A 201 -4.91 26.57 -13.20
CA GLN A 201 -4.49 25.36 -12.44
C GLN A 201 -5.13 24.09 -13.06
N SER A 202 -4.47 22.96 -12.90
CA SER A 202 -5.01 21.68 -13.28
C SER A 202 -5.95 21.16 -12.19
N ILE A 203 -6.94 20.40 -12.64
CA ILE A 203 -7.85 19.69 -11.75
C ILE A 203 -7.30 18.30 -11.59
N PRO A 204 -6.98 17.87 -10.35
CA PRO A 204 -6.42 16.57 -10.23
C PRO A 204 -7.37 15.41 -10.53
N ILE A 205 -7.08 14.70 -11.60
CA ILE A 205 -7.95 13.64 -12.10
C ILE A 205 -7.47 12.23 -11.77
N ASN A 206 -6.34 12.10 -11.05
CA ASN A 206 -5.76 10.82 -10.83
C ASN A 206 -5.92 10.23 -9.46
N GLY A 207 -6.92 10.69 -8.70
CA GLY A 207 -7.38 10.03 -7.54
C GLY A 207 -7.01 10.63 -6.20
N VAL A 208 -6.40 11.82 -6.19
CA VAL A 208 -6.20 12.60 -4.94
C VAL A 208 -6.68 14.00 -5.17
N ALA A 209 -7.58 14.44 -4.34
CA ALA A 209 -8.04 15.80 -4.42
C ALA A 209 -7.67 16.53 -3.13
N ASN A 210 -7.67 17.86 -3.24
CA ASN A 210 -7.57 18.70 -2.06
C ASN A 210 -8.91 19.10 -1.54
N ARG A 211 -9.43 18.24 -0.67
CA ARG A 211 -10.82 18.33 -0.25
C ARG A 211 -11.04 19.38 0.87
N PRO A 212 -11.97 20.31 0.66
CA PRO A 212 -12.34 21.17 1.81
C PRO A 212 -12.92 20.39 2.97
N VAL A 213 -12.30 20.49 4.15
CA VAL A 213 -12.81 19.77 5.32
C VAL A 213 -13.34 20.63 6.49
N SER A 214 -12.98 21.90 6.56
CA SER A 214 -13.39 22.77 7.68
C SER A 214 -13.45 24.16 7.11
N SER A 215 -13.91 25.11 7.90
CA SER A 215 -14.06 26.50 7.47
C SER A 215 -12.73 27.15 7.24
N THR A 216 -11.63 26.50 7.62
CA THR A 216 -10.31 27.07 7.35
C THR A 216 -9.31 26.18 6.60
N ALA A 217 -9.62 24.93 6.36
CA ALA A 217 -8.63 24.05 5.80
C ALA A 217 -9.21 23.01 4.83
N SER A 218 -8.33 22.58 3.91
CA SER A 218 -8.59 21.49 3.02
C SER A 218 -7.58 20.43 3.26
N GLN A 219 -7.87 19.21 2.85
CA GLN A 219 -6.87 18.19 2.94
C GLN A 219 -6.84 17.16 1.80
N LEU A 220 -5.64 16.76 1.46
CA LEU A 220 -5.46 15.76 0.44
C LEU A 220 -6.13 14.47 0.80
N THR A 221 -6.99 14.01 -0.08
CA THR A 221 -7.93 12.91 0.21
C THR A 221 -8.11 12.10 -1.08
N ASN A 222 -7.96 10.80 -0.96
CA ASN A 222 -8.11 9.84 -2.03
C ASN A 222 -9.58 9.85 -2.47
N TYR A 223 -9.80 9.66 -3.73
CA TYR A 223 -11.13 9.35 -4.24
C TYR A 223 -10.98 8.20 -5.22
N LYS A 224 -12.05 7.47 -5.43
CA LYS A 224 -12.04 6.36 -6.36
C LYS A 224 -11.87 6.78 -7.81
N VAL A 225 -10.93 6.12 -8.49
CA VAL A 225 -10.66 6.37 -9.86
C VAL A 225 -10.29 5.06 -10.48
N TRP A 226 -10.50 4.93 -11.78
CA TRP A 226 -10.10 3.75 -12.49
C TRP A 226 -9.58 4.16 -13.83
N ARG A 227 -8.57 3.45 -14.27
CA ARG A 227 -8.02 3.59 -15.59
C ARG A 227 -7.83 2.26 -16.29
N ASN A 228 -7.99 2.29 -17.59
CA ASN A 228 -7.76 1.13 -18.45
C ASN A 228 -6.34 1.26 -18.92
N PRO A 229 -5.48 0.32 -18.51
CA PRO A 229 -4.10 0.51 -18.80
C PRO A 229 -3.71 0.32 -20.26
N TYR A 230 -4.60 -0.26 -21.06
CA TYR A 230 -4.38 -0.31 -22.50
C TYR A 230 -4.46 1.12 -23.13
N LEU A 231 -5.29 1.97 -22.55
CA LEU A 231 -5.59 3.26 -23.12
C LEU A 231 -4.87 4.43 -22.44
N CYS A 232 -4.67 4.38 -21.15
CA CYS A 232 -4.00 5.50 -20.50
C CYS A 232 -3.31 5.08 -19.20
N SER A 233 -2.44 5.97 -18.70
CA SER A 233 -1.81 5.76 -17.41
C SER A 233 -1.56 7.05 -16.72
N GLN A 234 -1.35 6.93 -15.42
CA GLN A 234 -0.99 8.08 -14.65
C GLN A 234 0.39 8.59 -15.08
N ASP A 235 0.60 9.88 -15.18
CA ASP A 235 1.96 10.38 -15.61
C ASP A 235 3.06 9.83 -14.71
N PRO A 236 4.15 9.27 -15.30
CA PRO A 236 5.22 8.66 -14.47
C PRO A 236 6.15 9.68 -13.73
N ARG A 237 6.00 10.96 -14.03
CA ARG A 237 6.79 12.07 -13.36
C ARG A 237 5.96 12.57 -12.24
N ASP A 238 6.50 12.50 -11.05
CA ASP A 238 5.77 12.92 -9.86
C ASP A 238 5.25 14.36 -9.89
N LYS A 239 5.97 15.20 -10.59
CA LYS A 239 5.56 16.57 -10.72
C LYS A 239 4.12 16.66 -11.33
N PHE A 240 3.82 15.76 -12.24
CA PHE A 240 2.58 15.82 -13.03
C PHE A 240 1.64 14.68 -12.68
N ALA A 241 2.06 13.80 -11.78
CA ALA A 241 1.29 12.61 -11.46
C ALA A 241 -0.11 12.87 -10.89
N PRO A 242 -0.30 13.94 -10.12
CA PRO A 242 -1.68 14.15 -9.64
C PRO A 242 -2.71 14.54 -10.72
N ASP A 243 -2.24 15.06 -11.85
CA ASP A 243 -3.03 15.84 -12.75
C ASP A 243 -3.10 15.28 -14.22
N ASN A 244 -2.07 14.61 -14.67
CA ASN A 244 -1.93 14.31 -16.07
C ASN A 244 -2.03 12.84 -16.30
N LEU A 245 -2.75 12.51 -17.34
CA LEU A 245 -2.74 11.20 -17.91
C LEU A 245 -1.76 11.18 -19.08
N VAL A 246 -1.23 10.01 -19.34
CA VAL A 246 -0.51 9.66 -20.57
C VAL A 246 -1.39 8.73 -21.38
N ILE A 247 -1.65 9.11 -22.63
CA ILE A 247 -2.44 8.39 -23.53
C ILE A 247 -1.56 7.31 -24.19
N GLU A 248 -2.06 6.08 -24.23
CA GLU A 248 -1.26 4.97 -24.65
C GLU A 248 -1.67 4.52 -26.05
N GLU A 249 -2.77 5.03 -26.53
CA GLU A 249 -3.39 4.60 -27.82
C GLU A 249 -4.02 5.80 -28.52
N ASP A 250 -3.68 6.00 -29.77
CA ASP A 250 -4.23 7.03 -30.61
C ASP A 250 -5.75 6.87 -30.69
N GLY A 251 -6.47 7.98 -30.77
CA GLY A 251 -7.89 7.86 -31.08
C GLY A 251 -8.66 9.16 -30.99
N ILE A 252 -9.93 9.10 -31.38
CA ILE A 252 -10.88 10.11 -30.94
C ILE A 252 -11.48 9.66 -29.62
N TYR A 253 -11.45 10.54 -28.64
CA TYR A 253 -11.90 10.21 -27.28
C TYR A 253 -13.04 11.15 -26.97
N ARG A 254 -13.97 10.69 -26.13
CA ARG A 254 -14.98 11.51 -25.57
C ARG A 254 -14.61 11.83 -24.12
N ILE A 255 -14.63 13.10 -23.77
CA ILE A 255 -14.51 13.56 -22.41
C ILE A 255 -15.83 14.11 -21.91
N ASP A 256 -16.32 13.54 -20.81
CA ASP A 256 -17.53 14.03 -20.10
C ASP A 256 -17.03 14.67 -18.80
N ILE A 257 -17.48 15.83 -18.45
CA ILE A 257 -17.33 16.35 -17.11
C ILE A 257 -18.66 16.86 -16.53
N SER A 258 -18.77 16.81 -15.22
CA SER A 258 -19.85 17.52 -14.52
C SER A 258 -19.46 17.78 -13.09
N GLY A 259 -20.13 18.73 -12.50
CA GLY A 259 -19.78 19.20 -11.17
C GLY A 259 -20.38 20.57 -10.93
N SER A 260 -19.93 21.21 -9.86
CA SER A 260 -20.39 22.54 -9.59
C SER A 260 -19.22 23.38 -9.05
N ILE A 261 -19.36 24.69 -9.19
CA ILE A 261 -18.54 25.61 -8.46
C ILE A 261 -19.33 26.15 -7.25
N ASN A 262 -18.79 25.90 -6.07
CA ASN A 262 -19.42 26.23 -4.79
C ASN A 262 -18.67 27.41 -4.13
N ILE A 263 -19.41 28.30 -3.50
CA ILE A 263 -18.85 29.52 -2.91
C ILE A 263 -18.17 30.33 -3.98
N ALA A 264 -18.88 30.40 -5.07
CA ALA A 264 -18.49 31.14 -6.22
C ALA A 264 -18.51 32.65 -5.91
N ASN A 265 -17.51 33.36 -6.38
CA ASN A 265 -17.47 34.77 -6.20
C ASN A 265 -18.26 35.56 -7.26
N TYR A 266 -18.64 36.78 -6.89
CA TYR A 266 -19.39 37.70 -7.71
C TYR A 266 -19.38 39.07 -7.02
N THR A 267 -19.63 40.11 -7.78
CA THR A 267 -19.71 41.47 -7.22
C THR A 267 -21.15 41.73 -6.72
N PHE A 268 -21.25 42.05 -5.43
CA PHE A 268 -22.54 42.17 -4.74
C PHE A 268 -23.23 43.42 -5.33
N PRO A 269 -24.55 43.36 -5.55
CA PRO A 269 -25.34 44.57 -5.79
C PRO A 269 -25.04 45.64 -4.75
N ALA A 270 -24.26 46.66 -5.09
CA ALA A 270 -24.31 47.97 -4.39
C ALA A 270 -25.25 48.92 -5.14
N SER A 271 -25.54 50.08 -4.56
CA SER A 271 -26.15 51.17 -5.35
C SER A 271 -25.20 51.75 -6.42
N GLY A 272 -23.88 51.68 -6.17
CA GLY A 272 -22.84 52.05 -7.14
C GLY A 272 -22.71 51.24 -8.45
N ASN A 273 -23.31 50.04 -8.55
CA ASN A 273 -23.41 49.31 -9.85
C ASN A 273 -24.86 49.19 -10.39
N SER A 274 -25.77 49.95 -9.78
CA SER A 274 -27.22 49.91 -10.03
C SER A 274 -27.89 48.60 -9.60
N TRP A 275 -27.58 48.19 -8.36
CA TRP A 275 -28.10 46.94 -7.75
C TRP A 275 -28.10 45.71 -8.71
N ARG A 276 -26.97 45.48 -9.38
CA ARG A 276 -26.76 44.31 -10.24
C ARG A 276 -25.61 43.40 -9.77
N VAL A 277 -25.83 42.08 -9.89
CA VAL A 277 -24.74 41.07 -9.73
C VAL A 277 -23.67 41.25 -10.80
N GLY A 278 -22.42 41.40 -10.38
CA GLY A 278 -21.31 41.44 -11.34
C GLY A 278 -20.66 40.03 -11.40
N GLY A 279 -20.96 39.32 -12.48
CA GLY A 279 -20.47 37.97 -12.66
C GLY A 279 -18.99 37.98 -12.91
N ARG A 280 -18.34 36.87 -12.64
CA ARG A 280 -16.90 36.71 -12.84
C ARG A 280 -16.65 35.57 -13.85
N TYR A 281 -15.83 35.79 -14.89
CA TYR A 281 -15.66 34.84 -15.94
C TYR A 281 -14.78 33.69 -15.40
N PHE A 282 -15.19 32.44 -15.67
CA PHE A 282 -14.26 31.31 -15.60
C PHE A 282 -14.44 30.37 -16.78
N GLN A 283 -13.43 29.50 -16.98
CA GLN A 283 -13.58 28.40 -17.91
C GLN A 283 -12.82 27.16 -17.46
N ILE A 284 -13.40 26.04 -17.82
CA ILE A 284 -12.83 24.71 -17.64
C ILE A 284 -12.44 24.20 -19.03
N VAL A 285 -11.17 23.85 -19.22
CA VAL A 285 -10.64 23.46 -20.52
C VAL A 285 -10.03 22.08 -20.43
N CYS A 286 -10.04 21.34 -21.51
CA CYS A 286 -9.21 20.14 -21.52
C CYS A 286 -8.02 20.49 -22.38
N ALA A 287 -6.95 19.77 -22.18
CA ALA A 287 -5.65 20.12 -22.77
C ALA A 287 -4.93 18.87 -23.15
N ARG A 288 -4.18 18.93 -24.25
CA ARG A 288 -3.18 17.89 -24.64
C ARG A 288 -1.85 18.58 -24.81
N ASN A 289 -0.78 17.84 -24.56
CA ASN A 289 0.60 18.35 -24.74
C ASN A 289 1.50 17.20 -25.10
N SER A 290 2.20 17.33 -26.22
CA SER A 290 3.07 16.26 -26.67
C SER A 290 4.57 16.68 -26.63
N SER A 291 4.91 17.69 -25.85
CA SER A 291 6.28 18.23 -25.96
C SER A 291 7.27 17.19 -25.36
N ALA A 292 6.89 16.44 -24.32
CA ALA A 292 7.76 15.30 -23.84
C ALA A 292 7.56 13.98 -24.56
N ASN A 293 8.64 13.49 -25.13
CA ASN A 293 8.65 12.18 -25.76
C ASN A 293 8.80 11.01 -24.76
N ASN A 294 8.53 9.77 -25.23
CA ASN A 294 8.78 8.61 -24.41
C ASN A 294 8.04 8.53 -23.07
N LEU A 295 6.86 9.19 -22.95
CA LEU A 295 6.02 8.94 -21.73
C LEU A 295 5.18 7.65 -21.79
N ALA A 296 4.88 7.16 -22.98
CA ALA A 296 4.09 5.94 -23.16
C ALA A 296 4.80 4.71 -22.55
N GLU A 297 4.05 3.63 -22.37
CA GLU A 297 4.60 2.42 -21.78
C GLU A 297 5.86 1.95 -22.47
N PHE A 298 6.86 1.53 -21.69
CA PHE A 298 8.16 1.04 -22.21
C PHE A 298 9.06 2.15 -22.72
N GLY A 299 8.68 3.39 -22.50
CA GLY A 299 9.36 4.52 -23.16
C GLY A 299 9.18 4.53 -24.68
N ALA A 300 8.12 3.93 -25.20
CA ALA A 300 7.93 3.97 -26.64
C ALA A 300 7.87 5.39 -27.23
N GLU A 301 8.22 5.47 -28.50
CA GLU A 301 8.16 6.74 -29.25
C GLU A 301 6.72 7.23 -29.35
N GLN A 302 6.50 8.49 -29.09
CA GLN A 302 5.21 9.04 -29.23
C GLN A 302 4.78 9.03 -30.68
N HIS A 303 3.47 9.01 -30.94
CA HIS A 303 2.96 9.18 -32.27
C HIS A 303 2.75 10.62 -32.49
N LEU A 304 3.32 11.13 -33.56
CA LEU A 304 3.28 12.58 -33.83
C LEU A 304 1.94 12.99 -34.43
N PRO A 305 1.36 14.03 -33.88
CA PRO A 305 0.07 14.48 -34.33
C PRO A 305 0.19 15.24 -35.63
N PRO A 306 -0.89 15.35 -36.39
CA PRO A 306 -0.89 16.14 -37.63
C PRO A 306 -0.66 17.56 -37.37
N SER A 307 -0.14 18.20 -38.39
CA SER A 307 0.18 19.61 -38.28
C SER A 307 -1.12 20.44 -38.00
N GLY A 308 -1.05 21.43 -37.12
CA GLY A 308 -2.22 22.23 -36.72
C GLY A 308 -3.09 21.61 -35.60
N VAL A 309 -2.61 20.51 -35.00
CA VAL A 309 -3.38 19.84 -33.95
C VAL A 309 -3.78 20.80 -32.81
N TRP A 310 -4.95 20.64 -32.27
CA TRP A 310 -5.38 21.36 -31.06
C TRP A 310 -4.50 21.04 -29.83
N THR A 311 -4.50 21.98 -28.89
CA THR A 311 -3.87 21.81 -27.58
C THR A 311 -4.74 22.21 -26.39
N ARG A 312 -5.75 23.06 -26.60
CA ARG A 312 -6.65 23.48 -25.50
C ARG A 312 -8.02 23.56 -26.09
N ARG A 313 -8.99 23.05 -25.37
CA ARG A 313 -10.36 23.23 -25.76
C ARG A 313 -11.30 23.53 -24.59
N VAL A 314 -12.13 24.56 -24.77
CA VAL A 314 -13.00 25.06 -23.73
C VAL A 314 -14.14 24.13 -23.64
N LEU A 315 -14.32 23.55 -22.45
CA LEU A 315 -15.51 22.70 -22.23
C LEU A 315 -16.67 23.50 -21.62
N VAL A 316 -16.34 24.43 -20.72
CA VAL A 316 -17.32 25.28 -20.05
C VAL A 316 -16.75 26.66 -19.98
N GLY A 317 -17.48 27.63 -20.48
CA GLY A 317 -17.03 29.00 -20.40
C GLY A 317 -18.22 29.89 -20.11
N GLU A 318 -18.28 30.45 -18.89
CA GLU A 318 -19.34 31.36 -18.52
C GLU A 318 -18.99 32.24 -17.31
N TYR A 319 -19.97 33.07 -16.92
CA TYR A 319 -19.84 33.92 -15.71
C TYR A 319 -20.50 33.26 -14.51
N THR A 320 -19.91 33.47 -13.34
CA THR A 320 -20.65 33.22 -12.10
C THR A 320 -21.91 34.07 -12.05
N ALA A 321 -22.93 33.54 -11.42
CA ALA A 321 -24.30 34.09 -11.62
C ALA A 321 -24.87 34.66 -10.34
N GLY A 322 -24.08 34.76 -9.29
CA GLY A 322 -24.59 35.32 -8.07
C GLY A 322 -25.26 34.31 -7.18
N MET A 323 -25.06 33.02 -7.39
CA MET A 323 -25.65 31.99 -6.55
C MET A 323 -24.50 31.39 -5.74
N THR A 324 -24.79 30.75 -4.63
CA THR A 324 -23.75 30.15 -3.81
C THR A 324 -23.11 28.97 -4.58
N GLU A 325 -23.96 28.20 -5.26
CA GLU A 325 -23.48 27.06 -6.05
C GLU A 325 -24.12 26.98 -7.42
N GLN A 326 -23.27 26.73 -8.39
CA GLN A 326 -23.66 26.74 -9.81
C GLN A 326 -23.11 25.48 -10.51
N ALA A 327 -23.98 24.70 -11.13
CA ALA A 327 -23.62 23.45 -11.74
C ALA A 327 -23.20 23.61 -13.19
N PHE A 328 -22.43 22.62 -13.66
CA PHE A 328 -22.00 22.63 -15.05
C PHE A 328 -21.87 21.19 -15.53
N SER A 329 -21.86 21.03 -16.84
CA SER A 329 -21.71 19.75 -17.50
C SER A 329 -21.19 20.02 -18.90
N SER A 330 -20.45 19.09 -19.48
CA SER A 330 -19.96 19.25 -20.85
C SER A 330 -19.52 17.89 -21.35
N VAL A 331 -19.64 17.72 -22.66
CA VAL A 331 -19.25 16.51 -23.36
C VAL A 331 -18.57 16.98 -24.65
N ALA A 332 -17.37 16.50 -24.93
CA ALA A 332 -16.70 16.81 -26.18
C ALA A 332 -16.02 15.58 -26.72
N THR A 333 -15.84 15.52 -28.05
CA THR A 333 -14.90 14.61 -28.61
C THR A 333 -13.65 15.32 -29.05
N ILE A 334 -12.51 14.66 -28.82
CA ILE A 334 -11.19 15.23 -29.00
C ILE A 334 -10.25 14.15 -29.52
N SER A 335 -9.26 14.55 -30.34
CA SER A 335 -8.22 13.67 -30.77
C SER A 335 -7.10 13.63 -29.75
N LEU A 336 -6.59 12.44 -29.50
CA LEU A 336 -5.42 12.26 -28.68
C LEU A 336 -4.53 11.22 -29.30
N PHE A 337 -3.22 11.34 -29.00
CA PHE A 337 -2.17 10.50 -29.59
C PHE A 337 -1.35 9.80 -28.54
N LYS A 338 -0.95 8.55 -28.82
CA LYS A 338 0.06 7.85 -28.02
C LYS A 338 1.19 8.77 -27.63
N GLY A 339 1.42 8.84 -26.32
CA GLY A 339 2.49 9.61 -25.73
C GLY A 339 2.03 10.97 -25.24
N ASP A 340 0.83 11.42 -25.64
CA ASP A 340 0.33 12.69 -25.18
C ASP A 340 0.07 12.72 -23.70
N ASN A 341 0.23 13.89 -23.08
CA ASN A 341 -0.36 14.16 -21.78
C ASN A 341 -1.75 14.72 -22.04
N PHE A 342 -2.70 14.34 -21.21
CA PHE A 342 -4.06 14.93 -21.22
C PHE A 342 -4.36 15.42 -19.82
N PHE A 343 -4.92 16.59 -19.69
CA PHE A 343 -5.32 17.13 -18.38
C PHE A 343 -6.46 18.12 -18.49
N LEU A 344 -7.04 18.51 -17.35
CA LEU A 344 -8.10 19.45 -17.28
C LEU A 344 -7.71 20.67 -16.44
N GLN A 345 -8.06 21.86 -16.90
CA GLN A 345 -7.66 23.11 -16.24
C GLN A 345 -8.88 23.97 -15.90
N PHE A 346 -8.77 24.66 -14.76
CA PHE A 346 -9.68 25.72 -14.33
C PHE A 346 -8.95 27.07 -14.45
N GLU A 347 -9.57 28.00 -15.18
CA GLU A 347 -9.00 29.30 -15.43
C GLU A 347 -9.97 30.42 -15.07
N THR A 348 -9.44 31.43 -14.40
CA THR A 348 -10.20 32.62 -13.98
C THR A 348 -9.23 33.78 -13.71
N GLY A 349 -9.79 34.97 -13.53
CA GLY A 349 -8.99 36.15 -13.14
C GLY A 349 -8.54 36.05 -11.69
N THR A 350 -7.50 36.84 -11.36
CA THR A 350 -6.89 36.78 -10.06
C THR A 350 -7.15 37.98 -9.15
N ASN A 351 -7.96 38.92 -9.58
CA ASN A 351 -8.37 40.02 -8.69
C ASN A 351 -9.73 39.75 -8.07
N THR A 352 -9.71 39.39 -6.82
CA THR A 352 -10.93 38.94 -6.23
C THR A 352 -11.99 40.01 -6.00
N SER A 353 -11.64 41.27 -6.17
CA SER A 353 -12.69 42.28 -6.04
C SER A 353 -13.18 42.77 -7.39
N ARG A 354 -12.67 42.19 -8.48
CA ARG A 354 -13.09 42.64 -9.81
C ARG A 354 -13.43 41.49 -10.77
N ASP A 355 -12.49 40.56 -10.98
CA ASP A 355 -12.63 39.62 -12.09
C ASP A 355 -12.45 38.12 -11.73
N SER A 356 -12.22 37.75 -10.47
CA SER A 356 -11.96 36.35 -10.10
C SER A 356 -13.22 35.63 -9.73
N ALA A 357 -13.36 34.40 -10.22
CA ALA A 357 -14.47 33.58 -9.79
C ALA A 357 -14.24 33.04 -8.41
N TYR A 358 -13.01 33.12 -7.91
CA TYR A 358 -12.75 32.59 -6.56
C TYR A 358 -12.73 33.80 -5.57
N ASN A 359 -13.02 33.51 -4.32
CA ASN A 359 -13.04 34.47 -3.22
C ASN A 359 -11.76 34.42 -2.38
N ASN A 360 -11.80 34.94 -1.14
CA ASN A 360 -10.59 35.00 -0.30
C ASN A 360 -10.60 34.01 0.85
N GLY A 361 -11.55 33.11 0.86
CA GLY A 361 -11.62 32.11 1.92
C GLY A 361 -10.81 30.84 1.63
N TYR A 362 -10.73 29.96 2.63
CA TYR A 362 -10.02 28.71 2.61
C TYR A 362 -10.92 27.62 3.13
N GLY A 363 -10.56 26.38 2.83
CA GLY A 363 -11.45 25.23 3.15
C GLY A 363 -12.85 25.43 2.60
N THR A 364 -13.86 25.01 3.36
CA THR A 364 -15.24 25.14 2.95
C THR A 364 -15.74 26.56 2.91
N SER A 365 -14.98 27.56 3.39
CA SER A 365 -15.33 28.94 3.15
C SER A 365 -14.78 29.49 1.85
N GLY A 366 -13.91 28.74 1.17
CA GLY A 366 -13.31 29.24 -0.06
C GLY A 366 -13.92 28.55 -1.29
N THR A 367 -13.84 29.21 -2.42
CA THR A 367 -14.41 28.70 -3.65
C THR A 367 -13.79 27.36 -4.02
N HIS A 368 -14.65 26.39 -4.39
CA HIS A 368 -14.18 25.03 -4.66
C HIS A 368 -15.09 24.32 -5.67
N LEU A 369 -14.53 23.28 -6.29
CA LEU A 369 -15.35 22.37 -7.13
C LEU A 369 -16.00 21.37 -6.20
N ARG A 370 -17.26 21.11 -6.45
CA ARG A 370 -17.93 20.10 -5.67
C ARG A 370 -18.60 19.13 -6.61
N ASN A 371 -18.73 17.90 -6.17
CA ASN A 371 -19.40 16.87 -6.95
C ASN A 371 -18.78 16.76 -8.35
N PHE A 372 -17.46 16.93 -8.44
CA PHE A 372 -16.81 16.87 -9.75
C PHE A 372 -16.52 15.44 -10.14
N SER A 373 -16.77 15.09 -11.39
CA SER A 373 -16.40 13.82 -11.94
C SER A 373 -16.24 13.92 -13.44
N TYR A 374 -15.55 12.91 -13.98
CA TYR A 374 -15.32 12.80 -15.41
C TYR A 374 -15.34 11.37 -15.86
N THR A 375 -15.48 11.21 -17.16
CA THR A 375 -15.25 9.94 -17.82
C THR A 375 -14.54 10.25 -19.10
N LEU A 376 -13.50 9.49 -19.42
CA LEU A 376 -12.82 9.59 -20.72
C LEU A 376 -12.95 8.23 -21.42
N GLU A 377 -13.36 8.24 -22.68
CA GLU A 377 -13.73 7.04 -23.39
C GLU A 377 -13.14 7.10 -24.80
N ARG A 378 -12.55 6.02 -25.28
CA ARG A 378 -12.13 5.97 -26.66
C ARG A 378 -13.30 5.56 -27.54
N VAL A 379 -13.60 6.40 -28.53
CA VAL A 379 -14.76 6.19 -29.42
C VAL A 379 -14.48 6.09 -30.87
N GLY A 380 -13.26 6.37 -31.29
CA GLY A 380 -12.93 6.26 -32.72
C GLY A 380 -11.42 6.05 -32.88
N ASP A 381 -10.99 5.54 -34.03
CA ASP A 381 -9.61 5.42 -34.34
C ASP A 381 -9.15 6.55 -35.26
N LEU A 382 -7.84 6.62 -35.46
CA LEU A 382 -7.24 7.65 -36.31
C LEU A 382 -6.37 7.00 -37.38
N ASN A 383 -6.71 5.80 -37.82
CA ASN A 383 -6.03 5.15 -38.95
C ASN A 383 -6.37 5.80 -40.28
N GLY A 384 -5.45 5.69 -41.24
CA GLY A 384 -5.76 6.15 -42.63
C GLY A 384 -6.00 7.64 -42.68
N THR A 385 -6.98 8.03 -43.47
CA THR A 385 -7.20 9.42 -43.77
C THR A 385 -7.78 10.21 -42.54
N ALA A 386 -8.41 9.52 -41.63
CA ALA A 386 -8.90 10.09 -40.37
C ALA A 386 -7.81 10.83 -39.62
N TYR A 387 -6.59 10.31 -39.71
CA TYR A 387 -5.44 10.97 -39.07
C TYR A 387 -5.38 12.47 -39.42
N TYR A 388 -5.54 12.81 -40.70
CA TYR A 388 -5.55 14.21 -41.14
C TYR A 388 -6.94 14.84 -41.05
N ASP A 389 -8.01 14.14 -41.42
CA ASP A 389 -9.37 14.77 -41.52
C ASP A 389 -9.96 15.03 -40.09
N ASN A 390 -9.67 14.14 -39.13
CA ASN A 390 -10.32 14.08 -37.79
C ASN A 390 -9.27 14.35 -36.70
N GLY A 391 -7.99 14.14 -36.98
CA GLY A 391 -6.97 14.14 -35.94
C GLY A 391 -6.51 15.49 -35.46
N THR A 392 -6.89 16.59 -36.17
CA THR A 392 -6.39 17.92 -35.74
C THR A 392 -7.23 18.55 -34.64
N PHE A 393 -8.40 17.98 -34.35
CA PHE A 393 -9.26 18.49 -33.28
C PHE A 393 -9.93 17.40 -32.44
N VAL B 2 1.77 -8.09 62.80
CA VAL B 2 3.21 -8.09 63.23
C VAL B 2 4.12 -8.04 62.03
N LEU B 3 5.42 -8.02 62.31
CA LEU B 3 6.49 -8.36 61.36
C LEU B 3 6.74 -9.84 61.06
N LYS B 4 6.49 -10.24 59.84
CA LYS B 4 6.55 -11.61 59.39
C LYS B 4 7.78 -11.66 58.45
N GLY B 5 8.68 -12.62 58.65
CA GLY B 5 9.62 -13.00 57.64
C GLY B 5 9.10 -14.04 56.69
N ILE B 6 9.58 -14.02 55.45
CA ILE B 6 9.06 -14.88 54.39
C ILE B 6 9.97 -16.08 54.10
N ASN B 7 11.21 -15.90 54.46
CA ASN B 7 12.32 -16.43 53.81
C ASN B 7 13.41 -16.87 54.80
N PHE B 8 13.08 -16.78 56.09
CA PHE B 8 14.02 -16.82 57.23
C PHE B 8 14.09 -18.27 57.79
N ASP B 9 15.03 -18.54 58.67
CA ASP B 9 15.24 -19.94 59.13
C ASP B 9 13.98 -20.74 59.54
N ARG B 10 13.05 -20.13 60.30
CA ARG B 10 11.81 -20.81 60.70
C ARG B 10 10.57 -20.59 59.83
N SER B 11 10.72 -19.96 58.66
CA SER B 11 9.58 -19.69 57.80
C SER B 11 9.29 -20.98 57.09
N ILE B 12 8.04 -21.21 56.68
CA ILE B 12 7.73 -22.22 55.65
C ILE B 12 7.52 -21.62 54.30
N VAL B 13 8.20 -22.10 53.25
CA VAL B 13 8.00 -21.46 51.93
C VAL B 13 6.90 -22.12 51.12
N THR B 14 5.94 -21.31 50.69
CA THR B 14 4.74 -21.81 50.05
C THR B 14 4.88 -21.77 48.50
N PRO B 15 4.05 -22.58 47.82
CA PRO B 15 3.60 -22.28 46.44
C PRO B 15 3.53 -20.80 46.10
N GLU B 16 2.58 -20.09 46.73
CA GLU B 16 2.35 -18.67 46.48
C GLU B 16 3.63 -17.84 46.56
N ASN B 17 4.46 -18.10 47.59
CA ASN B 17 5.80 -17.51 47.69
C ASN B 17 6.71 -17.83 46.51
N GLU B 18 6.96 -19.11 46.15
CA GLU B 18 8.03 -19.35 45.10
C GLU B 18 7.54 -18.72 43.73
N ALA B 19 6.22 -18.57 43.58
CA ALA B 19 5.59 -17.95 42.44
C ALA B 19 5.77 -16.48 42.42
N SER B 20 5.41 -15.84 43.52
CA SER B 20 5.70 -14.43 43.68
C SER B 20 7.22 -14.24 43.35
N ILE B 21 8.12 -15.17 43.68
CA ILE B 21 9.57 -14.93 43.40
C ILE B 21 9.94 -15.03 41.94
N LEU B 22 9.45 -16.06 41.21
CA LEU B 22 9.66 -16.21 39.75
C LEU B 22 9.04 -15.07 38.89
N ASP B 23 7.93 -14.56 39.32
CA ASP B 23 7.28 -13.43 38.68
C ASP B 23 8.24 -12.28 38.70
N LEU B 24 8.76 -12.01 39.88
CA LEU B 24 9.72 -10.98 40.01
C LEU B 24 10.89 -11.21 39.05
N ALA B 25 11.30 -12.44 38.97
CA ALA B 25 12.40 -12.76 38.08
C ALA B 25 12.03 -12.65 36.62
N MET B 26 10.74 -12.75 36.25
CA MET B 26 10.26 -12.50 34.87
C MET B 26 9.93 -11.01 34.56
N GLN B 27 10.38 -10.11 35.40
CA GLN B 27 9.98 -8.68 35.33
C GLN B 27 8.49 -8.47 35.29
N ASN B 28 7.74 -9.30 36.02
CA ASN B 28 6.25 -9.36 35.96
C ASN B 28 5.60 -9.54 34.61
N ARG B 29 6.32 -10.16 33.71
CA ARG B 29 5.73 -10.55 32.46
C ARG B 29 5.27 -12.02 32.65
N SER B 30 4.18 -12.35 31.98
CA SER B 30 3.79 -13.75 31.78
C SER B 30 3.95 -14.10 30.35
N GLY B 31 4.11 -15.36 30.06
CA GLY B 31 4.06 -15.80 28.70
C GLY B 31 4.58 -17.18 28.50
N VAL B 32 4.42 -17.64 27.26
CA VAL B 32 5.00 -18.89 26.83
C VAL B 32 6.53 -18.79 26.62
N LEU B 33 7.24 -19.64 27.36
CA LEU B 33 8.67 -19.70 27.26
C LEU B 33 9.13 -20.64 26.16
N ASP B 34 8.43 -21.73 25.90
CA ASP B 34 8.70 -22.48 24.69
C ASP B 34 7.57 -23.37 24.29
N GLY B 35 7.56 -23.76 23.01
CA GLY B 35 6.51 -24.59 22.47
C GLY B 35 5.13 -24.00 22.63
N MET B 36 4.17 -24.86 22.96
CA MET B 36 2.75 -24.53 22.98
C MET B 36 2.26 -23.82 21.72
N THR B 37 2.87 -24.11 20.58
CA THR B 37 2.25 -23.75 19.31
C THR B 37 1.25 -24.81 18.89
N ILE B 38 0.45 -24.44 17.92
CA ILE B 38 -0.67 -25.25 17.49
C ILE B 38 -0.14 -26.39 16.62
N ASP B 39 -0.72 -27.56 16.78
CA ASP B 39 -0.24 -28.81 16.14
C ASP B 39 -1.36 -29.20 15.22
N ILE B 40 -1.29 -28.73 13.97
CA ILE B 40 -2.45 -28.78 13.10
C ILE B 40 -2.64 -30.20 12.52
N LEU B 41 -1.56 -30.98 12.41
CA LEU B 41 -1.67 -32.42 12.09
C LEU B 41 -2.67 -33.16 12.99
N ASN B 42 -2.66 -32.89 14.30
CA ASN B 42 -3.52 -33.63 15.24
C ASN B 42 -4.84 -32.93 15.54
N THR B 43 -5.26 -32.07 14.65
CA THR B 43 -6.31 -31.13 14.97
C THR B 43 -7.52 -31.44 14.08
N THR B 44 -8.58 -31.95 14.67
CA THR B 44 -9.75 -32.37 13.88
C THR B 44 -10.80 -31.27 13.95
N SER B 45 -12.06 -31.57 13.61
CA SER B 45 -13.17 -30.65 13.82
C SER B 45 -13.83 -30.84 15.16
N ASN B 46 -13.34 -31.80 15.95
CA ASN B 46 -13.79 -32.04 17.33
C ASN B 46 -12.80 -31.52 18.35
N GLN B 47 -11.56 -31.35 17.90
CA GLN B 47 -10.47 -31.19 18.84
C GLN B 47 -9.27 -30.43 18.23
N LEU B 48 -8.62 -29.68 19.13
CA LEU B 48 -7.55 -28.76 18.80
C LEU B 48 -6.33 -29.18 19.60
N ALA B 49 -5.21 -29.34 18.92
CA ALA B 49 -4.04 -29.92 19.53
C ALA B 49 -2.94 -28.88 19.61
N LEU B 50 -2.20 -28.92 20.73
CA LEU B 50 -1.02 -28.10 20.95
C LEU B 50 0.20 -28.96 21.18
N PHE B 51 1.35 -28.46 20.77
CA PHE B 51 2.60 -29.06 21.13
C PHE B 51 2.98 -28.80 22.57
N HIS B 52 3.81 -29.68 23.09
CA HIS B 52 4.47 -29.52 24.36
C HIS B 52 5.04 -28.15 24.53
N GLY B 53 5.17 -27.75 25.77
CA GLY B 53 6.16 -26.75 26.13
C GLY B 53 5.86 -26.19 27.50
N THR B 54 6.30 -24.97 27.73
CA THR B 54 6.40 -24.36 29.04
C THR B 54 5.96 -22.88 29.02
N ALA B 55 5.31 -22.42 30.09
CA ALA B 55 4.85 -21.04 30.20
C ALA B 55 4.96 -20.61 31.62
N VAL B 56 4.97 -19.31 31.88
CA VAL B 56 4.88 -18.79 33.27
C VAL B 56 3.78 -17.80 33.31
N LEU B 57 2.93 -17.90 34.33
CA LEU B 57 1.77 -17.08 34.38
C LEU B 57 1.70 -16.57 35.76
N GLN B 58 1.98 -15.28 35.89
CA GLN B 58 2.13 -14.59 37.17
C GLN B 58 2.92 -15.41 38.20
N GLY B 59 4.00 -15.95 37.71
CA GLY B 59 4.90 -16.68 38.59
C GLY B 59 4.65 -18.18 38.68
N TYR B 60 3.57 -18.70 38.10
CA TYR B 60 3.26 -20.12 38.16
C TYR B 60 3.69 -20.73 36.88
N GLY B 61 4.53 -21.73 37.01
CA GLY B 61 5.03 -22.50 35.89
C GLY B 61 4.07 -23.55 35.45
N ILE B 62 3.88 -23.64 34.15
CA ILE B 62 2.90 -24.54 33.59
C ILE B 62 3.57 -25.27 32.46
N GLU B 63 3.27 -26.55 32.32
CA GLU B 63 3.93 -27.42 31.36
C GLU B 63 2.87 -28.22 30.63
N ILE B 64 2.98 -28.29 29.31
CA ILE B 64 2.49 -29.44 28.57
C ILE B 64 3.66 -30.34 28.26
N THR B 65 3.54 -31.60 28.70
CA THR B 65 4.53 -32.68 28.47
C THR B 65 4.31 -33.37 27.12
N ARG B 66 5.37 -33.87 26.47
CA ARG B 66 5.19 -34.83 25.32
C ARG B 66 4.81 -36.24 25.83
N ALA B 67 4.26 -37.13 25.00
CA ALA B 67 4.43 -38.62 25.25
C ALA B 67 4.32 -39.58 24.01
N ALA B 68 4.48 -40.90 24.25
CA ALA B 68 3.78 -41.99 23.51
C ALA B 68 4.37 -42.29 22.14
N ALA B 71 3.54 -37.00 20.74
CA ALA B 71 2.32 -36.49 20.13
C ALA B 71 1.13 -37.51 20.17
N PRO B 72 -0.12 -37.00 20.24
CA PRO B 72 -0.52 -35.58 20.39
C PRO B 72 -0.31 -35.04 21.81
N ASP B 73 0.46 -33.96 21.97
CA ASP B 73 0.96 -33.54 23.28
C ASP B 73 -0.18 -33.09 24.27
N VAL B 74 -1.28 -32.53 23.74
CA VAL B 74 -2.49 -32.21 24.53
C VAL B 74 -3.63 -31.87 23.56
N LEU B 75 -4.88 -32.11 23.99
CA LEU B 75 -6.07 -31.92 23.14
C LEU B 75 -7.13 -31.07 23.85
N VAL B 76 -7.77 -30.16 23.11
CA VAL B 76 -8.78 -29.30 23.67
C VAL B 76 -10.09 -29.52 22.94
N ASP B 77 -11.15 -29.65 23.70
CA ASP B 77 -12.40 -30.04 23.13
C ASP B 77 -12.99 -28.84 22.46
N THR B 78 -13.21 -28.94 21.17
CA THR B 78 -13.90 -27.88 20.42
C THR B 78 -15.37 -28.13 20.10
N THR B 79 -15.95 -29.25 20.59
CA THR B 79 -17.29 -29.65 20.11
C THR B 79 -18.26 -28.62 20.68
N GLY B 80 -19.19 -28.13 19.84
CA GLY B 80 -20.08 -27.01 20.19
C GLY B 80 -19.72 -25.63 19.62
N GLN B 81 -18.44 -25.44 19.22
CA GLN B 81 -17.98 -24.17 18.66
C GLN B 81 -18.13 -24.09 17.13
N SER B 82 -18.71 -22.99 16.66
CA SER B 82 -19.24 -22.91 15.31
C SER B 82 -19.43 -21.45 14.90
N ASN B 83 -18.88 -21.09 13.74
CA ASN B 83 -19.09 -19.77 13.15
C ASN B 83 -18.87 -18.63 14.14
N GLU B 84 -17.67 -18.60 14.70
CA GLU B 84 -17.35 -17.80 15.89
C GLU B 84 -15.85 -17.65 15.94
N THR B 85 -15.40 -16.45 16.22
CA THR B 85 -14.03 -16.24 16.60
C THR B 85 -13.88 -16.19 18.14
N MET B 86 -12.99 -17.03 18.64
CA MET B 86 -12.73 -17.16 20.07
C MET B 86 -11.25 -16.96 20.36
N LEU B 87 -10.91 -16.76 21.65
CA LEU B 87 -9.53 -16.89 22.08
C LEU B 87 -9.26 -18.19 22.78
N LEU B 88 -8.26 -18.92 22.32
CA LEU B 88 -7.72 -20.01 23.10
C LEU B 88 -6.84 -19.46 24.20
N CYS B 89 -7.13 -19.78 25.45
CA CYS B 89 -6.46 -19.20 26.59
C CYS B 89 -5.98 -20.26 27.53
N LEU B 90 -4.84 -19.99 28.14
CA LEU B 90 -4.38 -20.75 29.27
C LEU B 90 -4.75 -20.00 30.55
N THR B 91 -5.42 -20.68 31.48
CA THR B 91 -6.04 -20.04 32.62
C THR B 91 -5.61 -20.71 33.92
N ILE B 92 -5.37 -19.92 34.94
CA ILE B 92 -5.16 -20.41 36.25
C ILE B 92 -6.40 -20.06 37.06
N ASP B 93 -6.96 -21.04 37.77
CA ASP B 93 -8.17 -20.80 38.60
C ASP B 93 -7.95 -21.33 39.98
N LEU B 94 -7.62 -20.43 40.89
CA LEU B 94 -7.22 -20.82 42.20
C LEU B 94 -8.42 -21.21 43.08
N ASN B 95 -9.63 -21.05 42.60
CA ASN B 95 -10.80 -21.63 43.25
C ASN B 95 -10.89 -23.14 43.13
N GLN B 96 -10.24 -23.75 42.14
CA GLN B 96 -10.30 -25.20 41.95
C GLN B 96 -9.34 -25.90 42.93
N VAL B 97 -9.48 -27.24 43.10
CA VAL B 97 -8.58 -28.08 43.97
C VAL B 97 -7.70 -28.96 43.08
N ASN B 98 -6.39 -28.91 43.24
CA ASN B 98 -5.55 -29.88 42.58
C ASN B 98 -5.56 -31.21 43.36
N VAL B 99 -5.69 -32.32 42.64
CA VAL B 99 -5.97 -33.63 43.25
C VAL B 99 -4.78 -34.55 43.05
N PRO B 100 -4.03 -34.77 44.11
CA PRO B 100 -2.92 -35.70 44.13
C PRO B 100 -3.42 -37.09 44.24
N SER B 101 -2.64 -38.00 43.75
CA SER B 101 -2.93 -39.39 43.94
C SER B 101 -1.59 -40.10 44.13
N GLY B 102 -1.64 -41.23 44.85
CA GLY B 102 -0.49 -42.10 44.96
C GLY B 102 0.44 -41.53 45.99
N THR B 103 1.69 -41.95 45.98
CA THR B 103 2.52 -41.70 47.14
C THR B 103 3.98 -41.53 46.70
N VAL B 104 4.61 -40.50 47.25
CA VAL B 104 6.06 -40.39 47.25
C VAL B 104 6.55 -41.54 48.08
N GLY B 105 7.67 -42.14 47.71
CA GLY B 105 8.13 -43.27 48.54
C GLY B 105 7.58 -44.61 48.10
N THR B 106 6.47 -44.59 47.40
CA THR B 106 6.48 -45.23 46.13
C THR B 106 6.95 -44.22 45.14
N ASN B 107 7.09 -44.65 43.92
CA ASN B 107 7.24 -43.66 42.90
C ASN B 107 5.93 -43.55 42.12
N THR B 108 4.84 -43.22 42.80
CA THR B 108 3.53 -43.10 42.17
C THR B 108 2.79 -41.75 42.41
N TYR B 109 3.49 -40.72 42.89
CA TYR B 109 2.82 -39.47 43.19
C TYR B 109 2.45 -38.77 41.83
N ALA B 110 1.23 -38.31 41.72
CA ALA B 110 0.77 -37.56 40.58
C ALA B 110 -0.30 -36.61 41.03
N VAL B 111 -0.55 -35.57 40.20
CA VAL B 111 -1.53 -34.52 40.46
C VAL B 111 -2.38 -34.24 39.26
N ASP B 112 -3.68 -34.26 39.44
CA ASP B 112 -4.57 -33.71 38.45
C ASP B 112 -4.74 -32.21 38.71
N TYR B 113 -4.13 -31.34 37.89
CA TYR B 113 -4.13 -29.90 38.19
C TYR B 113 -5.38 -29.19 37.70
N LYS B 114 -6.45 -29.27 38.50
CA LYS B 114 -7.70 -28.64 38.11
C LYS B 114 -7.57 -27.07 38.15
N GLN B 115 -6.50 -26.54 38.76
CA GLN B 115 -6.29 -25.12 38.77
C GLN B 115 -5.81 -24.54 37.43
N ILE B 116 -5.54 -25.40 36.44
CA ILE B 116 -5.00 -25.00 35.21
C ILE B 116 -5.93 -25.50 34.15
N ARG B 117 -6.34 -24.65 33.20
CA ARG B 117 -7.05 -25.18 32.04
C ARG B 117 -6.70 -24.46 30.78
N LEU B 118 -6.90 -25.17 29.68
CA LEU B 118 -6.99 -24.60 28.35
C LEU B 118 -8.43 -24.51 27.98
N GLU B 119 -8.88 -23.36 27.51
CA GLU B 119 -10.29 -23.09 27.27
C GLU B 119 -10.43 -22.04 26.16
N PHE B 120 -11.65 -21.89 25.64
CA PHE B 120 -12.00 -20.85 24.71
C PHE B 120 -12.78 -19.79 25.44
N LEU B 121 -12.36 -18.54 25.27
CA LEU B 121 -13.07 -17.41 25.84
C LEU B 121 -13.43 -16.44 24.74
N ASP B 122 -14.51 -15.71 24.93
CA ASP B 122 -14.76 -14.59 24.07
C ASP B 122 -13.83 -13.37 24.50
N VAL B 123 -13.73 -12.34 23.68
CA VAL B 123 -12.82 -11.23 23.98
C VAL B 123 -13.21 -10.53 25.28
N PRO B 124 -14.50 -10.20 25.46
CA PRO B 124 -14.85 -9.50 26.72
C PRO B 124 -14.48 -10.27 27.98
N THR B 125 -14.61 -11.59 27.96
CA THR B 125 -14.36 -12.40 29.15
C THR B 125 -12.85 -12.47 29.40
N LEU B 126 -12.09 -12.65 28.33
CA LEU B 126 -10.67 -12.69 28.44
C LEU B 126 -10.20 -11.38 29.05
N LEU B 127 -10.75 -10.27 28.59
CA LEU B 127 -10.26 -8.95 29.02
C LEU B 127 -10.49 -8.74 30.51
N LYS B 128 -11.61 -9.24 31.01
CA LYS B 128 -11.94 -9.09 32.43
C LYS B 128 -11.00 -9.92 33.30
N GLN B 129 -10.32 -10.90 32.74
CA GLN B 129 -9.39 -11.66 33.56
C GLN B 129 -7.94 -11.81 32.98
N TYR B 130 -7.55 -10.84 32.15
CA TYR B 130 -6.29 -10.83 31.42
C TYR B 130 -5.17 -10.45 32.34
N TRP B 131 -4.11 -11.25 32.36
CA TRP B 131 -2.95 -11.03 33.21
C TRP B 131 -2.34 -9.64 33.04
N ARG B 132 -2.47 -9.06 31.85
CA ARG B 132 -1.87 -7.75 31.64
C ARG B 132 -2.59 -6.67 32.38
N ASP B 133 -3.85 -6.90 32.79
CA ASP B 133 -4.58 -5.87 33.51
C ASP B 133 -5.08 -6.23 34.90
N HIS B 134 -4.84 -7.45 35.36
CA HIS B 134 -5.34 -7.93 36.65
C HIS B 134 -4.37 -8.96 37.14
N SER B 135 -4.34 -9.19 38.45
CA SER B 135 -3.36 -10.07 39.02
C SER B 135 -3.91 -10.94 40.10
N LEU B 136 -3.48 -12.20 40.13
CA LEU B 136 -3.57 -13.02 41.33
C LEU B 136 -2.95 -12.36 42.56
N HIS B 137 -1.90 -11.57 42.38
CA HIS B 137 -1.16 -10.98 43.50
C HIS B 137 -1.57 -9.53 43.75
N ASP B 138 -2.64 -9.02 43.13
CA ASP B 138 -2.90 -7.57 43.15
C ASP B 138 -3.15 -7.10 44.60
N LEU B 139 -2.65 -5.91 44.93
CA LEU B 139 -2.84 -5.29 46.26
C LEU B 139 -4.32 -5.04 46.56
N ILE B 140 -5.00 -4.40 45.60
CA ILE B 140 -6.28 -3.74 45.85
C ILE B 140 -7.42 -4.68 45.40
N ASP B 141 -7.28 -5.34 44.24
CA ASP B 141 -8.37 -6.18 43.67
C ASP B 141 -7.87 -7.60 43.30
N PRO B 142 -7.35 -8.36 44.28
CA PRO B 142 -6.64 -9.55 43.85
C PRO B 142 -7.65 -10.56 43.30
N ARG B 143 -7.19 -11.37 42.36
CA ARG B 143 -8.07 -12.19 41.58
C ARG B 143 -7.75 -13.61 41.94
N ARG B 144 -8.68 -14.47 41.57
CA ARG B 144 -8.55 -15.89 41.75
C ARG B 144 -8.43 -16.56 40.40
N VAL B 145 -8.91 -15.90 39.36
CA VAL B 145 -8.68 -16.44 38.04
C VAL B 145 -8.04 -15.46 37.04
N ILE B 146 -7.03 -15.96 36.32
CA ILE B 146 -6.25 -15.11 35.42
C ILE B 146 -5.93 -15.92 34.18
N SER B 147 -5.97 -15.27 33.03
CA SER B 147 -5.69 -15.93 31.77
C SER B 147 -4.68 -15.22 30.89
N MET B 148 -4.12 -16.04 30.00
CA MET B 148 -3.22 -15.68 28.99
C MET B 148 -3.73 -16.19 27.65
N PRO B 149 -3.97 -15.31 26.66
CA PRO B 149 -4.49 -15.76 25.39
C PRO B 149 -3.37 -16.13 24.49
N LEU B 150 -3.55 -17.21 23.73
CA LEU B 150 -2.49 -17.82 22.92
C LEU B 150 -2.74 -17.73 21.42
N TYR B 151 -3.98 -17.90 21.01
CA TYR B 151 -4.38 -17.91 19.58
C TYR B 151 -5.74 -17.32 19.48
N TRP B 152 -5.93 -16.51 18.47
CA TRP B 152 -7.25 -16.37 17.88
C TRP B 152 -7.64 -17.65 17.13
N ILE B 153 -8.81 -18.17 17.42
CA ILE B 153 -9.37 -19.41 16.73
C ILE B 153 -10.70 -19.02 16.13
N THR B 154 -10.77 -19.06 14.79
CA THR B 154 -12.02 -18.72 14.10
C THR B 154 -12.61 -20.04 13.62
N PHE B 155 -13.75 -20.40 14.22
CA PHE B 155 -14.43 -21.66 13.91
C PHE B 155 -15.32 -21.40 12.71
N GLY B 156 -15.25 -22.29 11.72
CA GLY B 156 -16.23 -22.31 10.63
C GLY B 156 -17.45 -23.20 10.89
N GLN B 157 -18.06 -23.63 9.78
CA GLN B 157 -19.00 -24.76 9.76
C GLN B 157 -18.57 -25.93 10.67
N THR B 158 -19.53 -26.54 11.35
CA THR B 158 -19.42 -27.93 11.85
C THR B 158 -18.90 -28.87 10.76
N GLY B 159 -17.94 -29.72 11.09
CA GLY B 159 -17.21 -30.50 10.09
C GLY B 159 -15.85 -29.95 9.70
N THR B 160 -15.74 -28.63 9.54
CA THR B 160 -14.45 -28.01 9.22
C THR B 160 -13.57 -27.86 10.44
N THR B 161 -12.29 -27.76 10.15
CA THR B 161 -11.27 -27.48 11.13
C THR B 161 -11.00 -25.96 11.07
N PRO B 162 -10.73 -25.35 12.24
CA PRO B 162 -10.75 -23.88 12.34
C PRO B 162 -9.50 -23.18 11.77
N LYS B 163 -9.60 -21.87 11.57
CA LYS B 163 -8.41 -21.05 11.22
C LYS B 163 -7.80 -20.44 12.48
N TYR B 164 -6.50 -20.15 12.43
CA TYR B 164 -5.79 -19.70 13.62
C TYR B 164 -4.74 -18.58 13.38
N GLU B 165 -4.59 -17.75 14.41
CA GLU B 165 -3.54 -16.71 14.42
C GLU B 165 -2.92 -16.59 15.79
N GLN B 166 -1.62 -16.82 15.83
CA GLN B 166 -0.87 -16.83 17.07
C GLN B 166 -0.90 -15.41 17.69
N ILE B 167 -1.02 -15.33 19.00
CA ILE B 167 -0.94 -14.10 19.77
C ILE B 167 0.48 -13.90 20.26
N LYS B 168 1.29 -13.26 19.42
CA LYS B 168 2.71 -13.30 19.62
C LYS B 168 3.14 -12.47 20.84
N SER B 169 2.29 -11.55 21.29
CA SER B 169 2.60 -10.78 22.46
C SER B 169 2.70 -11.65 23.70
N ASN B 170 2.11 -12.83 23.68
CA ASN B 170 2.10 -13.67 24.85
C ASN B 170 3.04 -14.85 24.70
N TYR B 171 3.87 -14.81 23.66
CA TYR B 171 4.99 -15.75 23.53
C TYR B 171 6.30 -14.96 23.70
N ILE B 172 7.19 -15.43 24.59
CA ILE B 172 8.51 -14.90 24.78
C ILE B 172 9.46 -15.70 23.88
N ASP B 173 9.62 -15.21 22.67
CA ASP B 173 10.04 -16.10 21.63
C ASP B 173 11.59 -16.13 21.63
N GLY B 174 12.21 -14.94 21.78
CA GLY B 174 13.07 -14.32 20.75
C GLY B 174 13.00 -12.78 20.55
N GLY B 175 14.14 -12.12 20.74
CA GLY B 175 14.19 -10.65 20.87
C GLY B 175 14.74 -10.26 22.25
N ASN B 176 14.31 -11.01 23.27
CA ASN B 176 14.07 -10.48 24.60
C ASN B 176 14.17 -11.41 25.83
N SER B 177 14.75 -12.61 25.69
CA SER B 177 15.07 -13.50 26.82
C SER B 177 16.26 -13.07 27.71
N GLY B 178 15.91 -12.43 28.82
CA GLY B 178 16.86 -11.72 29.63
C GLY B 178 16.28 -10.44 30.19
N ASN B 179 15.48 -9.77 29.37
CA ASN B 179 14.83 -8.50 29.76
C ASN B 179 13.39 -8.43 29.28
N PRO B 180 12.56 -9.39 29.70
CA PRO B 180 11.43 -9.73 28.90
C PRO B 180 10.42 -8.59 28.84
N ALA B 181 10.36 -7.71 29.84
CA ALA B 181 9.37 -6.64 29.79
C ALA B 181 9.88 -5.34 29.11
N TYR B 182 11.14 -5.30 28.72
CA TYR B 182 11.84 -4.07 28.31
C TYR B 182 12.49 -4.34 26.91
N GLY B 183 13.56 -3.63 26.57
CA GLY B 183 14.21 -3.83 25.31
C GLY B 183 13.55 -3.11 24.17
N ILE B 184 13.97 -3.46 22.97
CA ILE B 184 13.57 -2.78 21.78
C ILE B 184 12.11 -2.99 21.47
N ALA B 185 11.41 -1.91 21.18
CA ALA B 185 10.04 -1.97 20.71
C ALA B 185 9.95 -1.95 19.22
N ALA B 186 10.79 -1.13 18.57
CA ALA B 186 10.79 -1.08 17.13
C ALA B 186 12.12 -0.60 16.61
N ARG B 187 12.52 -1.06 15.42
CA ARG B 187 13.77 -0.60 14.83
C ARG B 187 13.77 -0.84 13.35
N CYS B 188 14.61 -0.13 12.60
CA CYS B 188 14.59 -0.31 11.15
C CYS B 188 15.96 -0.11 10.60
N GLU B 189 16.15 -0.55 9.40
CA GLU B 189 17.37 -0.21 8.65
C GLU B 189 17.26 1.17 8.05
N ASN B 190 18.37 1.67 7.55
CA ASN B 190 18.38 2.99 6.89
C ASN B 190 17.46 2.95 5.70
N PHE B 191 16.71 4.01 5.52
CA PHE B 191 15.96 4.21 4.32
C PHE B 191 15.93 5.66 3.87
N ASN B 192 15.49 5.84 2.62
CA ASN B 192 15.39 7.13 1.96
C ASN B 192 13.92 7.47 1.69
N HIS B 193 13.51 8.71 1.97
CA HIS B 193 12.08 9.04 1.94
C HIS B 193 11.86 10.50 1.45
N PHE B 194 11.14 10.61 0.36
CA PHE B 194 10.83 11.87 -0.28
C PHE B 194 10.00 12.76 0.58
N ILE B 195 10.40 14.04 0.66
CA ILE B 195 9.71 15.02 1.47
C ILE B 195 8.65 15.68 0.63
N ASN B 196 7.38 15.41 0.98
CA ASN B 196 6.26 16.05 0.29
C ASN B 196 6.28 17.52 0.50
N LYS B 197 5.71 18.26 -0.43
CA LYS B 197 5.74 19.72 -0.42
C LYS B 197 4.62 20.28 0.49
N VAL B 198 4.71 20.07 1.81
CA VAL B 198 3.71 20.52 2.76
C VAL B 198 4.37 20.94 4.05
N ALA B 199 3.65 21.66 4.88
CA ALA B 199 4.21 22.24 6.08
C ALA B 199 4.52 21.17 7.11
N VAL B 200 3.68 20.14 7.15
CA VAL B 200 3.74 19.11 8.19
C VAL B 200 3.43 17.75 7.59
N GLN B 201 4.25 16.76 7.87
CA GLN B 201 4.02 15.41 7.38
C GLN B 201 4.67 14.44 8.33
N SER B 202 4.14 13.23 8.32
CA SER B 202 4.68 12.15 9.08
C SER B 202 5.76 11.47 8.27
N ILE B 203 6.72 10.89 8.99
CA ILE B 203 7.77 10.09 8.37
C ILE B 203 7.40 8.64 8.52
N PRO B 204 7.41 7.86 7.45
CA PRO B 204 6.80 6.53 7.62
C PRO B 204 7.76 5.56 8.25
N ILE B 205 7.39 5.08 9.42
CA ILE B 205 8.27 4.24 10.23
C ILE B 205 7.90 2.75 10.23
N ASN B 206 6.90 2.37 9.44
CA ASN B 206 6.40 1.02 9.49
C ASN B 206 6.78 0.13 8.29
N GLY B 207 7.84 0.49 7.61
CA GLY B 207 8.47 -0.41 6.72
C GLY B 207 8.24 -0.14 5.25
N VAL B 208 7.57 0.94 4.90
CA VAL B 208 7.41 1.33 3.46
C VAL B 208 7.74 2.82 3.38
N ALA B 209 8.68 3.17 2.52
CA ALA B 209 9.07 4.55 2.32
C ALA B 209 8.84 4.94 0.89
N ASN B 210 8.72 6.24 0.65
CA ASN B 210 8.64 6.76 -0.70
C ASN B 210 9.98 7.12 -1.20
N ARG B 211 10.65 6.12 -1.78
CA ARG B 211 12.04 6.19 -2.07
C ARG B 211 12.32 6.92 -3.37
N PRO B 212 13.23 7.94 -3.35
CA PRO B 212 13.58 8.57 -4.63
C PRO B 212 14.31 7.58 -5.50
N VAL B 213 13.83 7.35 -6.74
CA VAL B 213 14.47 6.40 -7.63
C VAL B 213 15.03 6.97 -8.97
N SER B 214 14.65 8.18 -9.38
CA SER B 214 15.09 8.76 -10.60
C SER B 214 14.99 10.23 -10.43
N SER B 215 15.46 10.99 -11.41
CA SER B 215 15.47 12.40 -11.35
C SER B 215 14.05 13.00 -11.35
N THR B 216 13.03 12.19 -11.59
CA THR B 216 11.66 12.71 -11.70
C THR B 216 10.62 11.97 -10.85
N ALA B 217 11.01 10.89 -10.18
CA ALA B 217 10.08 10.14 -9.41
C ALA B 217 10.66 9.45 -8.17
N SER B 218 9.75 9.20 -7.24
CA SER B 218 9.99 8.38 -6.12
C SER B 218 8.99 7.22 -6.17
N GLN B 219 9.33 6.13 -5.51
CA GLN B 219 8.38 5.07 -5.39
C GLN B 219 8.35 4.30 -4.07
N LEU B 220 7.14 3.90 -3.70
CA LEU B 220 6.92 3.17 -2.45
C LEU B 220 7.72 1.89 -2.49
N THR B 221 8.56 1.72 -1.50
CA THR B 221 9.56 0.66 -1.47
C THR B 221 9.66 0.18 -0.02
N ASN B 222 9.62 -1.14 0.17
CA ASN B 222 9.80 -1.81 1.48
C ASN B 222 11.18 -1.56 2.05
N TYR B 223 11.27 -1.36 3.35
CA TYR B 223 12.59 -1.45 4.02
C TYR B 223 12.42 -2.38 5.20
N LYS B 224 13.50 -2.92 5.70
CA LYS B 224 13.42 -3.82 6.90
C LYS B 224 13.09 -3.11 8.16
N VAL B 225 12.12 -3.63 8.86
CA VAL B 225 11.66 -3.07 10.09
C VAL B 225 11.30 -4.22 11.01
N TRP B 226 11.42 -4.04 12.31
CA TRP B 226 10.98 -5.03 13.25
C TRP B 226 10.27 -4.37 14.36
N ARG B 227 9.26 -5.05 14.87
CA ARG B 227 8.56 -4.64 16.07
C ARG B 227 8.40 -5.76 17.09
N ASN B 228 8.43 -5.40 18.36
CA ASN B 228 8.19 -6.31 19.46
C ASN B 228 6.69 -6.25 19.76
N PRO B 229 5.94 -7.33 19.50
CA PRO B 229 4.49 -7.23 19.60
C PRO B 229 3.99 -7.10 21.04
N TYR B 230 4.85 -7.35 22.04
CA TYR B 230 4.51 -7.04 23.46
C TYR B 230 4.43 -5.52 23.71
N LEU B 231 5.23 -4.74 22.97
CA LEU B 231 5.35 -3.31 23.20
C LEU B 231 4.66 -2.41 22.16
N CYS B 232 4.56 -2.84 20.93
CA CYS B 232 3.89 -2.05 19.92
C CYS B 232 3.44 -2.81 18.73
N SER B 233 2.56 -2.18 17.94
CA SER B 233 2.05 -2.75 16.69
C SER B 233 1.74 -1.66 15.66
N GLN B 234 1.68 -2.08 14.41
CA GLN B 234 1.40 -1.20 13.32
C GLN B 234 -0.08 -0.76 13.44
N ASP B 235 -0.36 0.53 13.25
CA ASP B 235 -1.76 0.99 13.27
C ASP B 235 -2.51 0.31 12.12
N PRO B 236 -3.69 -0.33 12.37
CA PRO B 236 -4.39 -1.00 11.21
C PRO B 236 -5.15 -0.04 10.26
N ARG B 237 -5.45 1.17 10.70
CA ARG B 237 -6.37 2.03 9.96
C ARG B 237 -5.60 2.56 8.76
N ASP B 238 -6.23 2.57 7.60
CA ASP B 238 -5.56 2.83 6.34
C ASP B 238 -4.88 4.17 6.28
N LYS B 239 -5.51 5.16 6.89
CA LYS B 239 -4.98 6.48 6.85
C LYS B 239 -3.63 6.47 7.59
N PHE B 240 -3.45 5.60 8.61
CA PHE B 240 -2.36 5.77 9.54
C PHE B 240 -1.33 4.68 9.49
N ALA B 241 -1.58 3.68 8.67
CA ALA B 241 -0.79 2.50 8.71
C ALA B 241 0.66 2.72 8.29
N PRO B 242 0.91 3.65 7.36
CA PRO B 242 2.33 3.79 6.99
C PRO B 242 3.19 4.44 8.09
N ASP B 243 2.55 5.12 9.04
CA ASP B 243 3.19 6.14 9.84
C ASP B 243 3.09 5.93 11.35
N ASN B 244 2.02 5.35 11.83
CA ASN B 244 1.79 5.28 13.25
C ASN B 244 1.98 3.93 13.85
N LEU B 245 2.61 3.92 15.03
CA LEU B 245 2.60 2.79 15.92
C LEU B 245 1.49 2.95 16.93
N VAL B 246 1.01 1.81 17.45
CA VAL B 246 0.16 1.71 18.63
C VAL B 246 1.03 1.12 19.71
N ILE B 247 1.10 1.81 20.82
CA ILE B 247 1.82 1.38 21.99
C ILE B 247 0.94 0.45 22.83
N GLU B 248 1.49 -0.67 23.20
CA GLU B 248 0.73 -1.74 23.86
C GLU B 248 1.03 -1.79 25.38
N GLU B 249 2.03 -1.04 25.82
CA GLU B 249 2.56 -1.10 27.19
C GLU B 249 3.05 0.27 27.62
N ASP B 250 2.56 0.72 28.76
CA ASP B 250 2.96 1.97 29.35
C ASP B 250 4.46 1.98 29.61
N GLY B 251 5.07 3.15 29.54
CA GLY B 251 6.45 3.23 29.96
C GLY B 251 7.12 4.55 29.62
N ILE B 252 8.34 4.67 30.12
CA ILE B 252 9.28 5.63 29.58
C ILE B 252 10.03 4.95 28.46
N TYR B 253 10.03 5.55 27.27
CA TYR B 253 10.67 4.97 26.11
C TYR B 253 11.80 5.92 25.68
N ARG B 254 12.82 5.36 25.06
CA ARG B 254 13.84 6.12 24.41
C ARG B 254 13.64 6.06 22.91
N ILE B 255 13.64 7.22 22.25
CA ILE B 255 13.61 7.28 20.82
C ILE B 255 14.95 7.82 20.30
N ASP B 256 15.55 7.08 19.37
CA ASP B 256 16.82 7.46 18.73
C ASP B 256 16.44 7.70 17.25
N ILE B 257 16.85 8.78 16.64
CA ILE B 257 16.79 8.91 15.20
C ILE B 257 18.11 9.40 14.64
N SER B 258 18.35 9.06 13.39
CA SER B 258 19.45 9.72 12.67
C SER B 258 19.22 9.59 11.19
N GLY B 259 19.90 10.43 10.45
CA GLY B 259 19.73 10.51 9.03
C GLY B 259 20.24 11.80 8.53
N SER B 260 19.86 12.12 7.31
CA SER B 260 20.26 13.39 6.75
C SER B 260 19.12 13.95 5.94
N ILE B 261 19.18 15.26 5.70
CA ILE B 261 18.38 15.90 4.69
C ILE B 261 19.23 16.19 3.48
N ASN B 262 18.86 15.61 2.34
CA ASN B 262 19.60 15.69 1.07
C ASN B 262 18.84 16.61 0.07
N ILE B 263 19.57 17.33 -0.74
CA ILE B 263 19.05 18.36 -1.67
C ILE B 263 18.23 19.37 -0.87
N ALA B 264 18.80 19.77 0.23
CA ALA B 264 18.21 20.70 1.17
C ALA B 264 18.20 22.08 0.52
N ASN B 265 17.11 22.78 0.64
CA ASN B 265 17.03 24.09 0.07
C ASN B 265 17.62 25.21 1.00
N TYR B 266 17.97 26.32 0.37
CA TYR B 266 18.57 27.48 0.99
C TYR B 266 18.53 28.63 0.00
N THR B 267 18.63 29.86 0.50
CA THR B 267 18.69 31.04 -0.39
C THR B 267 20.15 31.34 -0.82
N PHE B 268 20.41 31.35 -2.11
CA PHE B 268 21.80 31.33 -2.69
C PHE B 268 22.34 32.73 -2.39
N PRO B 269 23.64 32.81 -2.04
CA PRO B 269 24.33 34.10 -2.01
C PRO B 269 24.12 34.86 -3.32
N ALA B 270 23.26 35.88 -3.33
CA ALA B 270 23.34 36.94 -4.33
C ALA B 270 24.14 38.11 -3.76
N SER B 271 24.48 39.10 -4.59
CA SER B 271 24.97 40.37 -4.05
C SER B 271 23.85 41.12 -3.26
N GLY B 272 22.58 40.90 -3.63
CA GLY B 272 21.42 41.44 -2.90
C GLY B 272 21.16 41.01 -1.44
N ASN B 273 21.77 39.91 -0.98
CA ASN B 273 21.73 39.54 0.47
C ASN B 273 23.11 39.66 1.16
N SER B 274 24.06 40.29 0.46
CA SER B 274 25.47 40.43 0.89
C SER B 274 26.21 39.10 0.91
N TRP B 275 26.09 38.36 -0.19
CA TRP B 275 26.74 37.03 -0.39
C TRP B 275 26.64 36.11 0.83
N ARG B 276 25.43 35.99 1.39
CA ARG B 276 25.15 35.08 2.50
C ARG B 276 24.13 33.98 2.13
N VAL B 277 24.40 32.77 2.61
CA VAL B 277 23.41 31.70 2.62
C VAL B 277 22.22 32.05 3.48
N GLY B 278 21.03 31.97 2.91
CA GLY B 278 19.82 32.10 3.72
C GLY B 278 19.32 30.72 4.06
N GLY B 279 19.50 30.32 5.33
CA GLY B 279 19.01 29.04 5.80
C GLY B 279 17.52 28.98 5.90
N ARG B 280 16.97 27.77 5.93
CA ARG B 280 15.58 27.53 6.03
C ARG B 280 15.31 26.64 7.25
N TYR B 281 14.34 27.00 8.11
CA TYR B 281 14.11 26.29 9.33
C TYR B 281 13.37 25.00 9.02
N PHE B 282 13.81 23.90 9.63
CA PHE B 282 12.99 22.74 9.78
C PHE B 282 13.08 22.12 11.12
N GLN B 283 12.11 21.23 11.42
CA GLN B 283 12.22 20.40 12.63
C GLN B 283 11.61 19.06 12.43
N ILE B 284 12.18 18.12 13.15
CA ILE B 284 11.71 16.77 13.23
C ILE B 284 11.21 16.60 14.66
N VAL B 285 9.96 16.16 14.83
CA VAL B 285 9.33 16.01 16.15
C VAL B 285 8.86 14.58 16.34
N CYS B 286 8.80 14.09 17.56
CA CYS B 286 8.03 12.93 17.80
C CYS B 286 6.70 13.36 18.43
N ALA B 287 5.70 12.51 18.28
CA ALA B 287 4.34 12.84 18.65
C ALA B 287 3.66 11.63 19.28
N ARG B 288 2.78 11.90 20.25
CA ARG B 288 1.84 10.88 20.79
C ARG B 288 0.45 11.49 20.72
N ASN B 289 -0.54 10.62 20.56
CA ASN B 289 -1.94 11.01 20.47
C ASN B 289 -2.78 9.90 21.08
N SER B 290 -3.65 10.24 22.02
CA SER B 290 -4.55 9.24 22.63
C SER B 290 -6.05 9.57 22.41
N SER B 291 -6.36 10.28 21.33
CA SER B 291 -7.74 10.65 21.13
C SER B 291 -8.57 9.38 20.75
N ALA B 292 -8.02 8.44 19.99
CA ALA B 292 -8.75 7.16 19.76
C ALA B 292 -8.53 6.11 20.88
N ASN B 293 -9.62 5.74 21.50
CA ASN B 293 -9.67 4.61 22.43
C ASN B 293 -9.67 3.28 21.73
N ASN B 294 -9.31 2.24 22.46
CA ASN B 294 -9.37 0.84 21.96
C ASN B 294 -8.45 0.45 20.81
N LEU B 295 -7.35 1.16 20.60
CA LEU B 295 -6.41 0.73 19.57
C LEU B 295 -5.55 -0.45 20.04
N ALA B 296 -5.34 -0.57 21.34
CA ALA B 296 -4.49 -1.65 21.86
C ALA B 296 -5.06 -3.04 21.56
N GLU B 297 -4.19 -4.05 21.64
CA GLU B 297 -4.55 -5.40 21.30
C GLU B 297 -5.87 -5.85 22.03
N PHE B 298 -6.73 -6.55 21.29
CA PHE B 298 -8.05 -7.02 21.78
C PHE B 298 -9.02 -5.90 21.95
N GLY B 299 -8.72 -4.70 21.46
CA GLY B 299 -9.56 -3.55 21.73
C GLY B 299 -9.53 -3.14 23.18
N ALA B 300 -8.47 -3.45 23.92
CA ALA B 300 -8.47 -3.04 25.34
C ALA B 300 -8.56 -1.54 25.57
N GLU B 301 -9.09 -1.17 26.71
CA GLU B 301 -9.22 0.22 27.09
C GLU B 301 -7.81 0.83 27.15
N GLN B 302 -7.67 2.04 26.65
CA GLN B 302 -6.40 2.74 26.76
C GLN B 302 -6.10 3.09 28.18
N HIS B 303 -4.82 3.22 28.53
CA HIS B 303 -4.50 3.76 29.82
C HIS B 303 -4.41 5.23 29.66
N LEU B 304 -5.10 5.93 30.52
CA LEU B 304 -5.20 7.37 30.42
C LEU B 304 -3.97 8.02 31.00
N PRO B 305 -3.42 8.97 30.25
CA PRO B 305 -2.24 9.67 30.71
C PRO B 305 -2.56 10.71 31.78
N PRO B 306 -1.59 11.10 32.60
CA PRO B 306 -1.77 12.16 33.56
C PRO B 306 -2.08 13.47 32.92
N SER B 307 -2.75 14.30 33.66
CA SER B 307 -3.11 15.61 33.22
C SER B 307 -1.84 16.47 32.84
N GLY B 308 -1.88 17.17 31.71
CA GLY B 308 -0.76 17.96 31.24
C GLY B 308 0.24 17.15 30.36
N VAL B 309 -0.07 15.92 30.03
CA VAL B 309 0.85 15.10 29.25
C VAL B 309 1.31 15.75 27.97
N TRP B 310 2.57 15.54 27.60
CA TRP B 310 3.06 16.02 26.31
C TRP B 310 2.31 15.36 25.14
N THR B 311 2.31 16.04 23.98
CA THR B 311 1.91 15.45 22.72
C THR B 311 2.87 15.64 21.57
N ARG B 312 3.80 16.61 21.62
CA ARG B 312 4.80 16.83 20.54
C ARG B 312 6.07 17.16 21.22
N ARG B 313 7.15 16.61 20.72
CA ARG B 313 8.47 16.99 21.17
C ARG B 313 9.52 17.11 20.06
N VAL B 314 10.24 18.23 20.05
CA VAL B 314 11.17 18.54 19.02
C VAL B 314 12.40 17.73 19.27
N LEU B 315 12.77 16.94 18.28
CA LEU B 315 14.00 16.16 18.38
C LEU B 315 15.18 16.87 17.73
N VAL B 316 14.88 17.54 16.61
CA VAL B 316 15.88 18.28 15.83
C VAL B 316 15.26 19.54 15.31
N GLY B 317 15.87 20.67 15.60
CA GLY B 317 15.33 21.96 15.18
C GLY B 317 16.48 22.85 14.77
N GLU B 318 16.62 23.13 13.48
CA GLU B 318 17.69 23.97 12.99
C GLU B 318 17.44 24.52 11.61
N TYR B 319 18.44 25.25 11.10
CA TYR B 319 18.32 25.78 9.75
C TYR B 319 19.14 24.89 8.80
N THR B 320 18.71 24.86 7.52
CA THR B 320 19.64 24.39 6.48
C THR B 320 20.79 25.30 6.40
N ALA B 321 21.93 24.73 6.00
CA ALA B 321 23.21 25.41 6.14
C ALA B 321 23.88 25.67 4.80
N GLY B 322 23.18 25.43 3.70
CA GLY B 322 23.79 25.73 2.43
C GLY B 322 24.65 24.62 1.86
N MET B 323 24.53 23.41 2.35
CA MET B 323 25.25 22.29 1.86
C MET B 323 24.17 21.42 1.15
N THR B 324 24.60 20.54 0.28
CA THR B 324 23.71 19.66 -0.42
C THR B 324 23.05 18.70 0.54
N GLU B 325 23.84 18.21 1.51
CA GLU B 325 23.36 17.24 2.49
C GLU B 325 23.88 17.54 3.89
N GLN B 326 22.98 17.40 4.84
CA GLN B 326 23.23 17.75 6.21
C GLN B 326 22.66 16.63 7.07
N ALA B 327 23.47 16.12 7.95
CA ALA B 327 23.14 15.08 8.87
C ALA B 327 22.56 15.56 10.16
N PHE B 328 21.83 14.68 10.83
CA PHE B 328 21.30 14.97 12.15
C PHE B 328 21.20 13.70 12.93
N SER B 329 21.02 13.85 14.22
CA SER B 329 20.83 12.74 15.15
C SER B 329 20.12 13.28 16.38
N SER B 330 19.42 12.44 17.12
CA SER B 330 18.83 12.84 18.37
C SER B 330 18.42 11.61 19.14
N VAL B 331 18.36 11.76 20.46
CA VAL B 331 17.99 10.72 21.40
C VAL B 331 17.17 11.45 22.45
N ALA B 332 16.00 10.94 22.76
CA ALA B 332 15.15 11.52 23.83
C ALA B 332 14.51 10.41 24.61
N THR B 333 14.22 10.65 25.88
CA THR B 333 13.26 9.78 26.57
C THR B 333 11.91 10.44 26.69
N ILE B 334 10.85 9.63 26.54
CA ILE B 334 9.49 10.14 26.43
C ILE B 334 8.59 9.18 27.16
N SER B 335 7.50 9.66 27.71
CA SER B 335 6.45 8.80 28.24
C SER B 335 5.41 8.44 27.15
N LEU B 336 5.01 7.17 27.15
CA LEU B 336 3.97 6.64 26.27
C LEU B 336 3.08 5.66 27.01
N PHE B 337 1.82 5.60 26.58
CA PHE B 337 0.72 4.91 27.27
C PHE B 337 0.07 3.92 26.38
N LYS B 338 -0.26 2.72 26.92
CA LYS B 338 -1.10 1.72 26.24
C LYS B 338 -2.27 2.38 25.58
N GLY B 339 -2.38 2.14 24.27
CA GLY B 339 -3.41 2.63 23.44
C GLY B 339 -2.96 3.85 22.63
N ASP B 340 -1.81 4.46 22.97
CA ASP B 340 -1.32 5.68 22.26
C ASP B 340 -0.96 5.36 20.85
N ASN B 341 -1.17 6.32 19.94
CA ASN B 341 -0.44 6.34 18.67
C ASN B 341 0.86 7.07 18.91
N PHE B 342 1.92 6.60 18.26
CA PHE B 342 3.21 7.28 18.27
C PHE B 342 3.67 7.46 16.83
N PHE B 343 4.19 8.63 16.49
CA PHE B 343 4.68 8.86 15.17
C PHE B 343 5.73 9.97 15.16
N LEU B 344 6.38 10.14 14.00
CA LEU B 344 7.38 11.15 13.79
C LEU B 344 6.93 12.12 12.68
N GLN B 345 7.21 13.40 12.84
CA GLN B 345 6.87 14.42 11.85
C GLN B 345 8.06 15.28 11.41
N PHE B 346 8.03 15.68 10.12
CA PHE B 346 8.89 16.61 9.53
C PHE B 346 8.09 17.92 9.25
N GLU B 347 8.61 19.04 9.72
CA GLU B 347 7.94 20.35 9.56
C GLU B 347 8.86 21.41 9.04
N THR B 348 8.35 22.19 8.11
CA THR B 348 9.07 23.28 7.49
C THR B 348 8.05 24.25 6.87
N GLY B 349 8.53 25.42 6.44
CA GLY B 349 7.71 26.36 5.72
C GLY B 349 7.45 25.88 4.29
N THR B 350 6.47 26.52 3.66
CA THR B 350 6.00 26.12 2.33
C THR B 350 6.29 27.09 1.22
N ASN B 351 7.00 28.16 1.51
CA ASN B 351 7.45 29.03 0.41
C ASN B 351 8.89 28.74 0.01
N THR B 352 9.07 28.11 -1.13
CA THR B 352 10.33 27.59 -1.45
C THR B 352 11.31 28.63 -1.87
N SER B 353 10.86 29.85 -2.10
CA SER B 353 11.84 30.90 -2.35
C SER B 353 12.14 31.74 -1.12
N ARG B 354 11.59 31.39 0.05
CA ARG B 354 11.86 32.17 1.25
C ARG B 354 12.15 31.34 2.49
N ASP B 355 11.26 30.41 2.86
CA ASP B 355 11.32 29.79 4.18
C ASP B 355 11.28 28.24 4.19
N SER B 356 11.20 27.56 3.04
CA SER B 356 11.08 26.12 3.03
C SER B 356 12.44 25.47 2.98
N ALA B 357 12.56 24.39 3.73
CA ALA B 357 13.74 23.54 3.63
C ALA B 357 13.67 22.65 2.41
N TYR B 358 12.51 22.54 1.80
CA TYR B 358 12.44 21.71 0.57
C TYR B 358 12.45 22.60 -0.69
N ASN B 359 12.88 22.03 -1.82
CA ASN B 359 12.96 22.70 -3.11
C ASN B 359 11.78 22.37 -3.99
N ASN B 360 11.92 22.59 -5.31
CA ASN B 360 10.82 22.33 -6.21
C ASN B 360 11.00 21.08 -7.07
N GLY B 361 11.97 20.23 -6.75
CA GLY B 361 12.26 19.06 -7.58
C GLY B 361 11.56 17.82 -7.04
N TYR B 362 11.66 16.75 -7.79
CA TYR B 362 11.00 15.49 -7.49
C TYR B 362 12.05 14.38 -7.60
N GLY B 363 11.74 13.23 -7.02
CA GLY B 363 12.66 12.12 -7.02
C GLY B 363 13.99 12.54 -6.44
N THR B 364 15.07 12.03 -7.00
CA THR B 364 16.42 12.35 -6.52
C THR B 364 16.83 13.80 -6.79
N SER B 365 16.04 14.56 -7.55
CA SER B 365 16.27 15.99 -7.64
C SER B 365 15.54 16.79 -6.58
N GLY B 366 14.70 16.14 -5.79
CA GLY B 366 13.96 16.87 -4.81
C GLY B 366 14.46 16.56 -3.40
N THR B 367 14.16 17.43 -2.48
CA THR B 367 14.61 17.29 -1.13
C THR B 367 14.05 16.04 -0.50
N HIS B 368 14.91 15.29 0.17
CA HIS B 368 14.49 14.03 0.78
C HIS B 368 15.32 13.65 2.00
N LEU B 369 14.77 12.80 2.85
CA LEU B 369 15.55 12.20 3.98
C LEU B 369 16.35 11.07 3.40
N ARG B 370 17.61 10.97 3.81
CA ARG B 370 18.43 9.90 3.31
C ARG B 370 19.08 9.22 4.53
N ASN B 371 19.30 7.90 4.46
CA ASN B 371 19.95 7.15 5.54
C ASN B 371 19.22 7.28 6.85
N PHE B 372 17.91 7.35 6.78
CA PHE B 372 17.07 7.61 7.96
C PHE B 372 16.83 6.30 8.69
N SER B 373 17.03 6.27 10.01
CA SER B 373 16.65 5.15 10.80
C SER B 373 16.26 5.60 12.20
N TYR B 374 15.59 4.69 12.93
CA TYR B 374 15.21 4.91 14.30
C TYR B 374 15.26 3.63 15.10
N THR B 375 15.29 3.81 16.41
CA THR B 375 15.06 2.74 17.33
C THR B 375 14.16 3.31 18.46
N LEU B 376 13.18 2.52 18.90
CA LEU B 376 12.37 2.86 20.03
C LEU B 376 12.53 1.75 21.04
N GLU B 377 12.85 2.10 22.26
CA GLU B 377 13.19 1.12 23.27
C GLU B 377 12.48 1.43 24.58
N ARG B 378 11.92 0.43 25.24
CA ARG B 378 11.31 0.70 26.55
C ARG B 378 12.37 0.61 27.59
N VAL B 379 12.54 1.69 28.36
CA VAL B 379 13.62 1.83 29.35
C VAL B 379 13.16 2.05 30.80
N GLY B 380 11.86 2.24 31.04
CA GLY B 380 11.37 2.49 32.40
C GLY B 380 9.88 2.20 32.45
N ASP B 381 9.35 1.96 33.64
CA ASP B 381 7.92 1.79 33.85
C ASP B 381 7.29 3.07 34.41
N LEU B 382 5.97 3.12 34.41
CA LEU B 382 5.23 4.23 34.96
C LEU B 382 4.29 3.81 36.12
N ASN B 383 4.65 2.80 36.87
CA ASN B 383 3.88 2.37 38.06
C ASN B 383 4.03 3.34 39.21
N GLY B 384 3.04 3.39 40.09
CA GLY B 384 3.16 4.20 41.31
C GLY B 384 3.30 5.70 41.05
N THR B 385 4.15 6.34 41.83
CA THR B 385 4.31 7.77 41.78
C THR B 385 4.93 8.29 40.41
N ALA B 386 5.69 7.43 39.74
CA ALA B 386 6.29 7.74 38.43
C ALA B 386 5.25 8.18 37.44
N TYR B 387 4.04 7.65 37.57
CA TYR B 387 2.94 8.01 36.69
C TYR B 387 2.77 9.52 36.65
N TYR B 388 2.79 10.16 37.79
CA TYR B 388 2.62 11.60 37.85
C TYR B 388 3.97 12.37 37.76
N ASP B 389 5.04 11.86 38.36
CA ASP B 389 6.35 12.59 38.38
C ASP B 389 7.05 12.55 36.98
N ASN B 390 6.92 11.44 36.29
CA ASN B 390 7.68 11.09 35.08
C ASN B 390 6.73 10.95 33.86
N GLY B 391 5.44 10.71 34.08
CA GLY B 391 4.53 10.40 33.01
C GLY B 391 4.04 11.55 32.14
N THR B 392 4.28 12.80 32.54
CA THR B 392 3.77 13.94 31.75
C THR B 392 4.70 14.40 30.60
N PHE B 393 5.92 13.87 30.55
CA PHE B 393 6.90 14.18 29.49
C PHE B 393 7.72 12.97 29.05
C1 GN1 C . 5.27 20.92 -19.94
OP1 GN1 C . 5.08 22.46 -23.55
P GN1 C . 5.65 22.49 -22.12
OP2 GN1 C . 5.18 23.56 -21.12
OP3 GN1 C . 7.19 22.18 -22.16
C2 GN1 C . 5.83 19.48 -19.89
C3 GN1 C . 4.74 18.47 -20.40
C4 GN1 C . 3.44 18.64 -19.60
C5 GN1 C . 3.00 20.11 -19.53
C6 GN1 C . 1.81 20.27 -18.60
C8 GN1 C . 9.01 18.72 -21.86
O1 GN1 C . 4.97 21.21 -21.32
O3 GN1 C . 5.22 17.11 -20.50
O4 GN1 C . 2.34 18.02 -20.25
O5 GN1 C . 4.09 21.03 -19.12
N2 GN1 C . 6.91 19.42 -20.86
C7 GN1 C . 8.01 18.67 -20.70
O6 GN1 C . 1.55 21.69 -18.53
O7 GN1 C . 8.19 17.99 -19.66
C1 GN1 D . -6.31 11.83 14.91
OP1 GN1 D . -8.58 13.20 16.60
P GN1 D . -7.14 13.81 16.54
OP2 GN1 D . -6.95 14.72 15.29
OP3 GN1 D . -6.70 14.30 17.93
C2 GN1 D . -6.74 10.39 15.29
C3 GN1 D . -5.60 9.64 16.01
C4 GN1 D . -4.26 9.79 15.22
C5 GN1 D . -3.97 11.24 14.71
C6 GN1 D . -2.74 11.38 13.75
C8 GN1 D . -10.19 9.80 16.93
O1 GN1 D . -6.12 12.60 16.12
O3 GN1 D . -5.98 8.24 16.27
O4 GN1 D . -3.26 9.40 16.15
O5 GN1 D . -5.14 11.78 14.07
N2 GN1 D . -7.97 10.44 16.15
C7 GN1 D . -9.02 9.58 15.97
O6 GN1 D . -2.27 12.76 13.65
O7 GN1 D . -9.02 8.71 15.05
#